data_9EYX
#
_entry.id   9EYX
#
_cell.length_a   102.124
_cell.length_b   139.123
_cell.length_c   178.145
_cell.angle_alpha   90.00
_cell.angle_beta   90.00
_cell.angle_gamma   90.00
#
_symmetry.space_group_name_H-M   'I 2 2 2'
#
loop_
_entity.id
_entity.type
_entity.pdbx_description
1 polymer 'Protein arginine N-methyltransferase 5, N-terminally processed'
2 polymer 'Methylosome protein WDR77'
3 non-polymer "(3~{S})-2-[(5-azanyl-6-fluoranyl-1~{H}-pyrrolo[3,2-b]pyridin-2-yl)methyl]-6-fluoranyl-1'-[(4-fluorophenyl)methyl]spiro[isoindole-3,3'-pyrrolidine]-1,2'-dione"
4 non-polymer "5'-DEOXY-5'-METHYLTHIOADENOSINE"
5 non-polymer 'SULFATE ION'
6 water water
#
loop_
_entity_poly.entity_id
_entity_poly.type
_entity_poly.pdbx_seq_one_letter_code
_entity_poly.pdbx_strand_id
1 'polypeptide(L)'
;MAAMAVGGAGGSRVSSGRDLNCVPEIADTLGAVAKQGFDFLCMPVFHPRFKREFIQEPAKNRPGPQTRSDLLLSGRDWNT
LIVGKLSPWIRPDSKVEKIRRNSEAAMLQELNFGAYLGLPAFLLPLNQEDNTNLARVLTNHIHTGHHSSMFWMRVPLVAP
EDLRDDIIENAPTTHTEEYSGEEKTWMWWHNFRTLCDYSKRIAVALEIGADLPSNHVIDRWLGEPIKAAILPTSIFLTNK
KGFPVLSKMHQRLIFRLLKLEVQFIITGTNHHSEKEFCSYLQYLEYLSQNRPPPNAYELFAKGYEDYLQSPLQPLMDNLE
SQTYEVFEKDPIKYSQYQQAIYKCLLDRVPEEEKDTNVQVLMVLGAGRGPLVNASLRAAKQADRRIKLYAVEKNPNAVVT
LENWQFEEWGSQVTVVSSDMREWVAPEKADIIVSELLGSFADNELSPECLDGAQHFLKDDGVSIPGEYTSFLAPISSSKL
YNEVRACREKDRDPEAQFEMPYVVRLHNFHQLSAPQPCFTFSHPNRDPMIDNNRYCTLEFPVEVNTVLHGFAGYFETVLY
QDITLSIRPETHSPGMFSWFPILFPIKQPITVREGQTICVRFWRCSNSKKVWYEWAVTAPVCSAIHNPTGRSYTIGL
;
A
2 'polypeptide(L)'
;MRKETPPPLVPPAAREWNLPPNAPACMERQLEAARYRSDGALLLGASSLSGRCWAGSLWLFKDPCAAPNEGFCSAGVQTE
AGVADLTWVGERGILVASDSGAVELWELDENETLIVSKFCKYEHDDIVSTVSVLSSGTQAVSGSKDICIKVWDLAQQVVL
SSYRAHAAQVTCVAASPHKDSVFLSCSEDNRILLWDTRCPKPASQIGCSAPGYLPTSLAWHPQQSEVFVFGDENGTVSLV
DTKSTSCVLSSAVHSQCVTGLVFSPHSVPFLASLSEDCSLAVLDSSLSELFRSQAHRDFVRDATWSPLNHSLLTTVGWDH
QVVHHVVPTEPLPAPGPASVTE
;
B
#
loop_
_chem_comp.id
_chem_comp.type
_chem_comp.name
_chem_comp.formula
A1H73 non-polymer (3~{S})-2-[(5-azanyl-6-fluoranyl-1~{H}-pyrrolo[3,2-b]pyridin-2-yl)methyl]-6-fluoranyl-1'-[(4-fluorophenyl)methyl]spiro[isoindole-3,3'-pyrrolidine]-1,2'-dione 'C26 H20 F3 N5 O2'
MTA non-polymer 5'-DEOXY-5'-METHYLTHIOADENOSINE 'C11 H15 N5 O3 S'
SO4 non-polymer 'SULFATE ION' 'O4 S -2'
#
# COMPACT_ATOMS: atom_id res chain seq x y z
N ARG A 13 12.72 3.53 -16.72
CA ARG A 13 12.21 4.77 -16.06
C ARG A 13 11.46 4.41 -14.79
N VAL A 14 10.42 3.58 -14.93
CA VAL A 14 9.55 3.21 -13.82
C VAL A 14 10.08 1.92 -13.18
N SER A 15 10.03 1.87 -11.85
CA SER A 15 10.44 0.71 -11.08
C SER A 15 9.27 -0.25 -10.92
N SER A 16 9.42 -1.48 -11.46
CA SER A 16 8.32 -2.43 -11.52
C SER A 16 8.78 -3.81 -11.05
N GLY A 17 7.84 -4.55 -10.44
CA GLY A 17 8.09 -5.90 -9.96
C GLY A 17 6.96 -6.85 -10.36
N ARG A 18 7.12 -8.13 -10.01
CA ARG A 18 6.19 -9.17 -10.42
C ARG A 18 5.75 -9.95 -9.19
N ASP A 19 4.42 -10.10 -9.02
CA ASP A 19 3.86 -10.90 -7.94
C ASP A 19 3.53 -12.29 -8.47
N LEU A 20 4.03 -13.31 -7.78
CA LEU A 20 3.71 -14.69 -8.09
C LEU A 20 3.39 -15.42 -6.78
N ASN A 21 2.45 -16.37 -6.84
CA ASN A 21 2.13 -17.22 -5.71
C ASN A 21 2.43 -18.67 -6.08
N CYS A 22 3.27 -18.85 -7.11
CA CYS A 22 3.68 -20.16 -7.56
C CYS A 22 5.09 -20.08 -8.15
N VAL A 23 6.06 -20.67 -7.43
CA VAL A 23 7.44 -20.68 -7.83
C VAL A 23 7.97 -22.11 -7.73
N PRO A 24 7.99 -22.89 -8.84
CA PRO A 24 8.47 -24.26 -8.80
C PRO A 24 9.99 -24.36 -8.73
N GLU A 25 10.69 -23.44 -9.40
CA GLU A 25 12.14 -23.35 -9.34
C GLU A 25 12.53 -21.88 -9.26
N ILE A 26 13.16 -21.51 -8.14
CA ILE A 26 13.36 -20.11 -7.78
C ILE A 26 14.34 -19.46 -8.76
N ALA A 27 15.34 -20.22 -9.21
CA ALA A 27 16.36 -19.70 -10.12
C ALA A 27 15.77 -19.43 -11.49
N ASP A 28 14.94 -20.36 -11.97
CA ASP A 28 14.33 -20.27 -13.30
C ASP A 28 13.28 -19.17 -13.32
N THR A 29 12.54 -19.02 -12.21
CA THR A 29 11.48 -18.04 -12.11
C THR A 29 12.04 -16.63 -12.30
N LEU A 30 13.11 -16.31 -11.55
CA LEU A 30 13.74 -15.00 -11.62
C LEU A 30 14.16 -14.69 -13.06
N GLY A 31 14.85 -15.66 -13.70
CA GLY A 31 15.35 -15.49 -15.06
C GLY A 31 14.26 -15.00 -16.01
N ALA A 32 13.10 -15.65 -15.96
CA ALA A 32 11.96 -15.28 -16.78
C ALA A 32 11.49 -13.87 -16.43
N VAL A 33 11.35 -13.60 -15.13
CA VAL A 33 10.86 -12.32 -14.63
C VAL A 33 11.82 -11.21 -15.04
N ALA A 34 13.13 -11.46 -14.93
CA ALA A 34 14.14 -10.47 -15.24
C ALA A 34 14.18 -10.19 -16.73
N LYS A 35 13.96 -11.22 -17.55
CA LYS A 35 13.97 -11.10 -19.00
C LYS A 35 12.80 -10.22 -19.48
N GLN A 36 11.73 -10.16 -18.67
CA GLN A 36 10.53 -9.41 -19.02
C GLN A 36 10.64 -7.95 -18.57
N GLY A 37 11.74 -7.61 -17.88
CA GLY A 37 12.05 -6.22 -17.58
C GLY A 37 11.69 -5.83 -16.15
N PHE A 38 11.24 -6.80 -15.35
CA PHE A 38 10.88 -6.54 -13.97
C PHE A 38 12.16 -6.39 -13.13
N ASP A 39 12.06 -5.56 -12.08
CA ASP A 39 13.20 -5.23 -11.25
C ASP A 39 13.29 -6.18 -10.06
N PHE A 40 12.14 -6.59 -9.52
CA PHE A 40 12.11 -7.49 -8.37
C PHE A 40 10.94 -8.47 -8.51
N LEU A 41 10.89 -9.45 -7.60
CA LEU A 41 9.92 -10.53 -7.63
C LEU A 41 9.32 -10.73 -6.24
N CYS A 42 7.99 -10.56 -6.13
CA CYS A 42 7.27 -10.90 -4.93
C CYS A 42 6.88 -12.38 -4.99
N MET A 43 7.27 -13.15 -3.98
CA MET A 43 7.05 -14.59 -3.97
C MET A 43 6.97 -15.10 -2.54
N PRO A 44 6.42 -16.32 -2.31
CA PRO A 44 6.38 -16.91 -0.97
C PRO A 44 7.74 -17.41 -0.52
N VAL A 45 7.93 -17.48 0.81
CA VAL A 45 9.16 -17.98 1.40
C VAL A 45 8.96 -19.44 1.82
N PHE A 46 7.73 -19.79 2.22
CA PHE A 46 7.30 -21.16 2.40
C PHE A 46 6.18 -21.41 1.40
N HIS A 47 6.01 -22.68 0.98
CA HIS A 47 5.02 -23.03 -0.01
C HIS A 47 3.62 -22.64 0.50
N PRO A 48 2.84 -21.84 -0.26
CA PRO A 48 1.53 -21.37 0.20
C PRO A 48 0.62 -22.42 0.84
N ARG A 49 0.65 -23.64 0.32
CA ARG A 49 -0.24 -24.70 0.78
C ARG A 49 0.40 -25.52 1.90
N PHE A 50 1.70 -25.31 2.17
CA PHE A 50 2.41 -26.09 3.17
C PHE A 50 2.02 -25.61 4.57
N LYS A 51 0.91 -26.14 5.07
CA LYS A 51 0.37 -25.77 6.36
C LYS A 51 1.09 -26.59 7.44
N ARG A 52 1.48 -25.90 8.53
CA ARG A 52 2.35 -26.49 9.55
C ARG A 52 1.70 -26.41 10.92
N GLU A 53 1.88 -27.47 11.71
CA GLU A 53 1.38 -27.57 13.06
C GLU A 53 2.52 -27.31 14.04
N PHE A 54 2.20 -26.71 15.20
CA PHE A 54 3.21 -26.33 16.18
C PHE A 54 2.85 -26.80 17.60
N ILE A 55 1.68 -27.41 17.79
CA ILE A 55 1.22 -27.76 19.14
C ILE A 55 0.89 -29.26 19.19
N GLN A 56 -0.10 -29.68 18.41
CA GLN A 56 -0.65 -31.02 18.50
C GLN A 56 0.25 -32.01 17.76
N GLU A 57 0.51 -33.16 18.40
CA GLU A 57 1.20 -34.27 17.80
C GLU A 57 0.21 -35.09 16.95
N PRO A 58 0.66 -35.86 15.94
CA PRO A 58 2.08 -35.96 15.57
C PRO A 58 2.56 -35.01 14.48
N ALA A 59 1.67 -34.12 14.02
CA ALA A 59 1.95 -33.29 12.87
C ALA A 59 3.00 -32.22 13.18
N LYS A 60 3.18 -31.90 14.47
CA LYS A 60 4.17 -30.91 14.88
C LYS A 60 5.58 -31.46 14.66
N ASN A 61 5.73 -32.78 14.80
CA ASN A 61 7.03 -33.44 14.65
C ASN A 61 7.20 -33.92 13.20
N ARG A 62 6.71 -33.13 12.25
CA ARG A 62 6.87 -33.42 10.84
C ARG A 62 8.34 -33.30 10.46
N PRO A 63 8.95 -34.37 9.88
CA PRO A 63 10.38 -34.32 9.52
C PRO A 63 10.64 -33.60 8.20
N GLY A 64 11.92 -33.54 7.83
CA GLY A 64 12.35 -32.98 6.56
C GLY A 64 12.51 -31.46 6.63
N PRO A 65 13.03 -30.81 5.56
CA PRO A 65 13.16 -29.36 5.52
C PRO A 65 11.81 -28.67 5.40
N GLN A 66 11.69 -27.47 5.98
CA GLN A 66 10.43 -26.76 6.04
C GLN A 66 10.23 -25.92 4.78
N THR A 67 11.34 -25.56 4.10
CA THR A 67 11.24 -24.79 2.86
C THR A 67 12.54 -24.91 2.07
N ARG A 68 12.71 -24.00 1.10
CA ARG A 68 13.90 -23.93 0.25
C ARG A 68 15.12 -23.48 1.05
N SER A 69 16.31 -23.80 0.51
CA SER A 69 17.57 -23.33 1.07
C SER A 69 17.84 -21.90 0.62
N ASP A 70 18.58 -21.17 1.48
CA ASP A 70 18.98 -19.80 1.22
C ASP A 70 20.12 -19.76 0.21
N LEU A 71 20.73 -20.92 -0.06
CA LEU A 71 21.89 -21.03 -0.92
C LEU A 71 21.49 -20.99 -2.40
N LEU A 72 20.20 -21.14 -2.69
CA LEU A 72 19.71 -21.20 -4.07
C LEU A 72 19.88 -19.84 -4.76
N LEU A 73 19.89 -18.76 -3.96
CA LEU A 73 20.24 -17.44 -4.48
C LEU A 73 21.44 -16.89 -3.71
N SER A 74 22.10 -15.89 -4.31
CA SER A 74 23.17 -15.17 -3.64
C SER A 74 22.57 -14.21 -2.63
N GLY A 75 23.39 -13.81 -1.65
CA GLY A 75 22.97 -12.85 -0.64
C GLY A 75 22.42 -11.57 -1.25
N ARG A 76 23.08 -11.09 -2.31
CA ARG A 76 22.72 -9.85 -2.96
C ARG A 76 21.36 -9.98 -3.66
N ASP A 77 21.07 -11.17 -4.20
CA ASP A 77 19.81 -11.42 -4.89
C ASP A 77 18.65 -11.33 -3.90
N TRP A 78 18.81 -11.96 -2.73
CA TRP A 78 17.81 -11.88 -1.68
C TRP A 78 17.58 -10.43 -1.26
N ASN A 79 18.66 -9.64 -1.21
CA ASN A 79 18.63 -8.31 -0.63
C ASN A 79 17.97 -7.29 -1.55
N THR A 80 17.94 -7.55 -2.85
CA THR A 80 17.55 -6.52 -3.82
C THR A 80 16.38 -6.97 -4.70
N LEU A 81 16.25 -8.28 -4.96
CA LEU A 81 15.37 -8.74 -6.03
C LEU A 81 14.15 -9.50 -5.51
N ILE A 82 14.12 -9.84 -4.22
CA ILE A 82 13.06 -10.67 -3.68
C ILE A 82 12.24 -9.87 -2.65
N VAL A 83 10.92 -10.03 -2.71
CA VAL A 83 10.00 -9.51 -1.71
C VAL A 83 9.21 -10.68 -1.14
N GLY A 84 9.24 -10.84 0.19
CA GLY A 84 8.60 -11.96 0.85
C GLY A 84 7.08 -11.81 0.85
N LYS A 85 6.39 -12.93 1.08
CA LYS A 85 4.93 -12.94 1.19
C LYS A 85 4.53 -13.89 2.33
N LEU A 86 3.63 -13.41 3.20
CA LEU A 86 3.05 -14.25 4.23
C LEU A 86 2.14 -15.27 3.55
N SER A 87 2.20 -16.53 4.00
CA SER A 87 1.41 -17.59 3.40
C SER A 87 -0.07 -17.35 3.67
N PRO A 88 -0.98 -17.75 2.75
CA PRO A 88 -2.40 -17.38 2.85
C PRO A 88 -3.15 -18.05 4.00
N TRP A 89 -2.66 -19.22 4.41
CA TRP A 89 -3.32 -20.01 5.45
C TRP A 89 -3.11 -19.41 6.83
N ILE A 90 -2.10 -18.54 6.97
CA ILE A 90 -1.80 -17.89 8.23
C ILE A 90 -2.86 -16.83 8.52
N ARG A 91 -3.68 -17.09 9.54
CA ARG A 91 -4.75 -16.20 9.97
C ARG A 91 -4.63 -15.96 11.47
N PRO A 92 -3.85 -14.95 11.91
CA PRO A 92 -3.64 -14.71 13.35
C PRO A 92 -4.86 -14.24 14.14
N ASP A 93 -5.89 -13.73 13.43
CA ASP A 93 -7.08 -13.18 14.07
C ASP A 93 -8.26 -14.14 13.93
N SER A 94 -7.99 -15.43 13.74
CA SER A 94 -9.03 -16.43 13.61
C SER A 94 -9.79 -16.56 14.93
N LYS A 95 -11.08 -16.93 14.82
CA LYS A 95 -11.95 -17.12 15.98
C LYS A 95 -11.58 -18.41 16.71
N VAL A 96 -11.06 -19.39 15.95
CA VAL A 96 -10.66 -20.67 16.51
C VAL A 96 -9.31 -20.48 17.19
N GLU A 97 -9.23 -20.87 18.47
CA GLU A 97 -8.05 -20.62 19.29
C GLU A 97 -6.83 -21.36 18.73
N LYS A 98 -7.05 -22.58 18.22
CA LYS A 98 -5.96 -23.40 17.69
C LYS A 98 -5.35 -22.74 16.46
N ILE A 99 -6.19 -22.27 15.54
CA ILE A 99 -5.73 -21.69 14.30
C ILE A 99 -4.99 -20.37 14.60
N ARG A 100 -5.47 -19.65 15.63
CA ARG A 100 -4.84 -18.42 16.06
C ARG A 100 -3.41 -18.72 16.51
N ARG A 101 -3.28 -19.63 17.49
CA ARG A 101 -1.98 -19.97 18.07
C ARG A 101 -1.03 -20.48 16.99
N ASN A 102 -1.52 -21.33 16.08
CA ASN A 102 -0.72 -21.88 15.00
C ASN A 102 -0.26 -20.76 14.06
N SER A 103 -1.17 -19.86 13.72
CA SER A 103 -0.89 -18.77 12.80
C SER A 103 0.12 -17.80 13.40
N GLU A 104 0.10 -17.66 14.73
CA GLU A 104 1.06 -16.83 15.44
C GLU A 104 2.48 -17.38 15.22
N ALA A 105 2.66 -18.66 15.59
CA ALA A 105 3.95 -19.32 15.48
C ALA A 105 4.45 -19.32 14.04
N ALA A 106 3.52 -19.54 13.10
CA ALA A 106 3.85 -19.60 11.68
C ALA A 106 4.26 -18.22 11.16
N MET A 107 3.57 -17.19 11.64
CA MET A 107 3.83 -15.82 11.20
C MET A 107 5.24 -15.40 11.62
N LEU A 108 5.59 -15.69 12.88
CA LEU A 108 6.91 -15.37 13.40
C LEU A 108 7.97 -16.13 12.61
N GLN A 109 7.70 -17.41 12.32
CA GLN A 109 8.63 -18.27 11.61
C GLN A 109 8.93 -17.69 10.24
N GLU A 110 7.90 -17.27 9.52
CA GLU A 110 8.05 -16.75 8.16
C GLU A 110 8.74 -15.40 8.20
N LEU A 111 8.39 -14.56 9.18
CA LEU A 111 8.97 -13.23 9.32
C LEU A 111 10.45 -13.34 9.70
N ASN A 112 10.77 -14.29 10.58
CA ASN A 112 12.14 -14.54 11.01
C ASN A 112 12.98 -15.01 9.83
N PHE A 113 12.41 -15.90 8.99
CA PHE A 113 13.12 -16.42 7.84
C PHE A 113 13.35 -15.30 6.83
N GLY A 114 12.38 -14.39 6.71
CA GLY A 114 12.54 -13.21 5.88
C GLY A 114 13.74 -12.37 6.29
N ALA A 115 13.90 -12.19 7.61
CA ALA A 115 14.99 -11.41 8.16
C ALA A 115 16.32 -12.15 8.01
N TYR A 116 16.27 -13.48 8.11
CA TYR A 116 17.42 -14.34 7.93
C TYR A 116 18.00 -14.17 6.53
N LEU A 117 17.12 -14.17 5.52
CA LEU A 117 17.51 -14.00 4.13
C LEU A 117 17.96 -12.57 3.88
N GLY A 118 17.48 -11.63 4.69
CA GLY A 118 17.81 -10.22 4.53
C GLY A 118 17.00 -9.61 3.39
N LEU A 119 15.70 -9.89 3.36
CA LEU A 119 14.81 -9.39 2.33
C LEU A 119 14.59 -7.90 2.56
N PRO A 120 14.51 -7.07 1.49
CA PRO A 120 14.27 -5.64 1.63
C PRO A 120 12.83 -5.30 2.04
N ALA A 121 11.89 -6.18 1.67
CA ALA A 121 10.48 -5.98 1.97
C ALA A 121 9.79 -7.32 2.18
N PHE A 122 8.60 -7.27 2.80
CA PHE A 122 7.80 -8.45 3.09
C PHE A 122 6.33 -8.04 3.08
N LEU A 123 5.49 -8.80 2.35
CA LEU A 123 4.09 -8.48 2.17
C LEU A 123 3.24 -9.19 3.22
N LEU A 124 2.36 -8.43 3.87
CA LEU A 124 1.32 -8.99 4.73
C LEU A 124 -0.02 -8.43 4.29
N PRO A 125 -1.10 -9.24 4.28
CA PRO A 125 -2.43 -8.76 3.84
C PRO A 125 -3.26 -8.08 4.92
N LEU A 126 -3.99 -7.04 4.50
CA LEU A 126 -5.10 -6.48 5.26
C LEU A 126 -6.37 -6.72 4.44
N ASN A 127 -7.03 -7.86 4.69
CA ASN A 127 -8.19 -8.26 3.91
C ASN A 127 -9.42 -8.41 4.83
N GLN A 128 -9.36 -7.84 6.04
CA GLN A 128 -10.51 -7.80 6.92
C GLN A 128 -10.33 -6.66 7.91
N GLU A 129 -11.37 -6.42 8.73
CA GLU A 129 -11.41 -5.28 9.63
C GLU A 129 -10.47 -5.51 10.81
N ASP A 130 -10.68 -6.63 11.52
CA ASP A 130 -9.92 -6.93 12.74
C ASP A 130 -8.58 -7.57 12.36
N ASN A 131 -7.50 -6.79 12.51
CA ASN A 131 -6.15 -7.30 12.32
C ASN A 131 -5.31 -6.95 13.56
N THR A 132 -5.90 -7.15 14.73
CA THR A 132 -5.32 -6.70 15.99
C THR A 132 -4.15 -7.62 16.37
N ASN A 133 -4.40 -8.92 16.35
CA ASN A 133 -3.40 -9.90 16.77
C ASN A 133 -2.29 -9.98 15.72
N LEU A 134 -2.65 -9.74 14.45
CA LEU A 134 -1.67 -9.60 13.37
C LEU A 134 -0.70 -8.47 13.70
N ALA A 135 -1.25 -7.33 14.13
CA ALA A 135 -0.49 -6.14 14.47
C ALA A 135 0.39 -6.40 15.69
N ARG A 136 -0.14 -7.16 16.65
CA ARG A 136 0.54 -7.44 17.90
C ARG A 136 1.76 -8.32 17.65
N VAL A 137 1.65 -9.25 16.70
CA VAL A 137 2.72 -10.18 16.38
C VAL A 137 3.80 -9.44 15.58
N LEU A 138 3.37 -8.64 14.59
CA LEU A 138 4.30 -7.91 13.75
C LEU A 138 5.11 -6.93 14.60
N THR A 139 4.44 -6.21 15.49
CA THR A 139 5.08 -5.24 16.36
C THR A 139 6.15 -5.93 17.20
N ASN A 140 5.84 -7.14 17.68
CA ASN A 140 6.78 -7.92 18.47
C ASN A 140 8.02 -8.25 17.64
N HIS A 141 7.80 -8.64 16.38
CA HIS A 141 8.89 -9.00 15.48
C HIS A 141 9.77 -7.77 15.21
N ILE A 142 9.14 -6.60 15.07
CA ILE A 142 9.86 -5.36 14.81
C ILE A 142 10.77 -5.03 16.00
N HIS A 143 10.31 -5.35 17.21
CA HIS A 143 11.06 -5.04 18.42
C HIS A 143 11.89 -6.24 18.87
N THR A 144 12.17 -7.18 17.96
CA THR A 144 13.06 -8.29 18.23
C THR A 144 14.25 -8.20 17.27
N GLY A 145 15.45 -8.01 17.84
CA GLY A 145 16.65 -7.82 17.05
C GLY A 145 16.67 -6.45 16.38
N HIS A 146 17.47 -6.34 15.31
CA HIS A 146 17.52 -5.13 14.49
C HIS A 146 17.46 -5.54 13.02
N HIS A 147 16.60 -4.85 12.25
CA HIS A 147 16.52 -5.05 10.82
C HIS A 147 15.94 -3.80 10.18
N SER A 148 16.25 -3.60 8.88
CA SER A 148 15.74 -2.47 8.12
C SER A 148 14.67 -2.93 7.12
N SER A 149 14.29 -4.21 7.21
CA SER A 149 13.31 -4.80 6.31
C SER A 149 11.97 -4.09 6.44
N MET A 150 11.44 -3.60 5.32
CA MET A 150 10.14 -2.94 5.28
C MET A 150 9.04 -4.00 5.33
N PHE A 151 7.84 -3.57 5.70
CA PHE A 151 6.66 -4.43 5.68
C PHE A 151 5.57 -3.72 4.90
N TRP A 152 5.25 -4.27 3.72
CA TRP A 152 4.22 -3.72 2.85
C TRP A 152 2.88 -4.39 3.16
N MET A 153 1.92 -3.59 3.64
CA MET A 153 0.60 -4.11 3.97
C MET A 153 -0.28 -4.09 2.71
N ARG A 154 -0.66 -5.29 2.26
CA ARG A 154 -1.51 -5.46 1.10
C ARG A 154 -2.94 -5.09 1.48
N VAL A 155 -3.40 -3.93 0.98
CA VAL A 155 -4.72 -3.42 1.32
C VAL A 155 -5.40 -2.97 0.03
N PRO A 156 -6.66 -3.43 -0.24
CA PRO A 156 -7.35 -3.04 -1.47
C PRO A 156 -8.02 -1.66 -1.38
N LEU A 157 -8.14 -0.99 -2.53
CA LEU A 157 -8.96 0.21 -2.63
C LEU A 157 -10.38 -0.12 -2.17
N VAL A 158 -10.94 -1.18 -2.74
CA VAL A 158 -12.30 -1.62 -2.44
C VAL A 158 -12.24 -3.03 -1.87
N ALA A 159 -12.92 -3.22 -0.73
CA ALA A 159 -12.92 -4.51 -0.03
C ALA A 159 -13.51 -5.59 -0.94
N PRO A 160 -13.08 -6.86 -0.81
CA PRO A 160 -13.57 -7.94 -1.68
C PRO A 160 -15.09 -8.11 -1.64
N GLU A 161 -15.68 -7.86 -0.47
CA GLU A 161 -17.11 -7.99 -0.25
C GLU A 161 -17.87 -6.94 -1.05
N ASP A 162 -17.23 -5.81 -1.34
CA ASP A 162 -17.89 -4.66 -1.94
C ASP A 162 -17.73 -4.64 -3.46
N LEU A 163 -16.92 -5.54 -4.02
CA LEU A 163 -16.73 -5.61 -5.46
C LEU A 163 -17.11 -6.99 -6.00
N ARG A 164 -17.81 -7.78 -5.18
CA ARG A 164 -18.28 -9.09 -5.60
C ARG A 164 -19.43 -8.89 -6.59
N ASP A 165 -19.62 -9.90 -7.46
CA ASP A 165 -20.69 -9.86 -8.46
C ASP A 165 -22.02 -10.08 -7.75
N ASP A 166 -23.04 -9.33 -8.19
CA ASP A 166 -24.38 -9.42 -7.61
C ASP A 166 -25.10 -10.61 -8.23
N ILE A 167 -24.69 -11.81 -7.82
CA ILE A 167 -25.18 -13.06 -8.41
C ILE A 167 -25.66 -14.02 -7.33
N ILE A 168 -25.74 -13.55 -6.07
CA ILE A 168 -26.34 -14.33 -5.00
C ILE A 168 -27.79 -13.92 -4.88
N GLU A 169 -28.69 -14.91 -4.91
CA GLU A 169 -30.12 -14.69 -5.04
C GLU A 169 -30.67 -14.06 -3.76
N ASN A 170 -30.23 -14.57 -2.60
CA ASN A 170 -30.78 -14.17 -1.31
C ASN A 170 -29.77 -13.33 -0.54
N ALA A 171 -28.92 -12.59 -1.26
CA ALA A 171 -27.93 -11.71 -0.64
C ALA A 171 -27.45 -10.70 -1.67
N PRO A 172 -28.27 -9.69 -2.03
CA PRO A 172 -27.90 -8.70 -3.04
C PRO A 172 -26.86 -7.71 -2.54
N THR A 173 -26.08 -7.15 -3.48
CA THR A 173 -25.03 -6.20 -3.15
C THR A 173 -25.64 -4.88 -2.72
N THR A 174 -24.95 -4.18 -1.80
CA THR A 174 -25.43 -2.92 -1.27
C THR A 174 -25.47 -1.88 -2.40
N HIS A 175 -26.69 -1.44 -2.74
CA HIS A 175 -26.92 -0.46 -3.79
C HIS A 175 -27.11 0.93 -3.16
N THR A 176 -26.71 1.07 -1.89
CA THR A 176 -26.88 2.32 -1.15
C THR A 176 -25.54 3.05 -1.10
N GLU A 177 -25.59 4.38 -1.20
CA GLU A 177 -24.40 5.21 -1.10
C GLU A 177 -24.03 5.36 0.37
N GLU A 178 -23.03 4.58 0.80
CA GLU A 178 -22.51 4.64 2.16
C GLU A 178 -21.15 5.31 2.14
N TYR A 179 -21.13 6.62 2.46
CA TYR A 179 -19.95 7.45 2.35
C TYR A 179 -18.84 6.90 3.22
N SER A 180 -19.16 6.60 4.49
CA SER A 180 -18.20 6.10 5.45
C SER A 180 -17.86 4.64 5.16
N GLY A 181 -18.84 3.88 4.63
CA GLY A 181 -18.69 2.46 4.38
C GLY A 181 -17.75 2.17 3.21
N GLU A 182 -17.67 3.10 2.25
CA GLU A 182 -16.84 2.94 1.07
C GLU A 182 -15.39 3.32 1.38
N GLU A 183 -15.14 3.84 2.58
CA GLU A 183 -13.80 4.22 3.02
C GLU A 183 -13.24 3.20 4.01
N LYS A 184 -13.82 1.99 4.03
CA LYS A 184 -13.56 1.05 5.11
C LYS A 184 -12.13 0.51 5.05
N THR A 185 -11.57 0.38 3.84
CA THR A 185 -10.26 -0.23 3.67
C THR A 185 -9.18 0.69 4.22
N TRP A 186 -9.43 2.00 4.19
CA TRP A 186 -8.53 2.96 4.82
C TRP A 186 -8.56 2.80 6.33
N MET A 187 -9.76 2.55 6.89
CA MET A 187 -9.94 2.39 8.31
C MET A 187 -9.24 1.12 8.79
N TRP A 188 -9.22 0.09 7.92
CA TRP A 188 -8.46 -1.13 8.18
C TRP A 188 -6.99 -0.79 8.38
N TRP A 189 -6.46 0.03 7.45
CA TRP A 189 -5.07 0.46 7.48
C TRP A 189 -4.81 1.34 8.70
N HIS A 190 -5.67 2.35 8.89
CA HIS A 190 -5.50 3.32 9.96
C HIS A 190 -5.36 2.62 11.31
N ASN A 191 -6.30 1.72 11.61
CA ASN A 191 -6.31 1.03 12.89
C ASN A 191 -5.04 0.20 13.06
N PHE A 192 -4.60 -0.46 11.98
CA PHE A 192 -3.45 -1.34 12.02
C PHE A 192 -2.20 -0.54 12.40
N ARG A 193 -1.96 0.56 11.70
CA ARG A 193 -0.75 1.34 11.85
C ARG A 193 -0.77 2.11 13.18
N THR A 194 -1.98 2.39 13.70
CA THR A 194 -2.12 3.04 14.99
C THR A 194 -1.70 2.08 16.10
N LEU A 195 -2.19 0.84 16.01
CA LEU A 195 -1.80 -0.22 16.94
C LEU A 195 -0.28 -0.40 16.95
N CYS A 196 0.33 -0.32 15.77
CA CYS A 196 1.76 -0.52 15.60
C CYS A 196 2.53 0.76 15.91
N ASP A 197 1.81 1.85 16.16
CA ASP A 197 2.35 3.08 16.70
C ASP A 197 3.21 3.77 15.64
N TYR A 198 2.66 3.85 14.41
CA TYR A 198 3.29 4.54 13.30
C TYR A 198 4.75 4.11 13.15
N SER A 199 4.97 2.81 12.92
CA SER A 199 6.30 2.32 12.62
C SER A 199 6.68 2.76 11.21
N LYS A 200 7.93 3.21 11.05
CA LYS A 200 8.43 3.67 9.77
C LYS A 200 8.75 2.48 8.88
N ARG A 201 8.74 1.27 9.45
CA ARG A 201 8.99 0.05 8.72
C ARG A 201 7.71 -0.45 8.04
N ILE A 202 6.55 0.09 8.44
CA ILE A 202 5.27 -0.39 7.96
C ILE A 202 4.72 0.61 6.93
N ALA A 203 4.49 0.11 5.71
CA ALA A 203 4.00 0.92 4.60
C ALA A 203 2.87 0.20 3.88
N VAL A 204 2.28 0.87 2.88
CA VAL A 204 1.10 0.38 2.18
C VAL A 204 1.50 -0.14 0.80
N ALA A 205 0.95 -1.31 0.44
CA ALA A 205 0.92 -1.79 -0.92
C ALA A 205 -0.53 -1.77 -1.41
N LEU A 206 -0.90 -0.68 -2.08
CA LEU A 206 -2.29 -0.40 -2.41
C LEU A 206 -2.69 -1.23 -3.63
N GLU A 207 -3.72 -2.07 -3.46
CA GLU A 207 -4.18 -2.97 -4.50
C GLU A 207 -5.31 -2.30 -5.27
N ILE A 208 -5.13 -2.14 -6.58
CA ILE A 208 -6.08 -1.44 -7.43
C ILE A 208 -7.08 -2.45 -8.00
N GLY A 209 -8.37 -2.09 -7.98
CA GLY A 209 -9.44 -2.98 -8.41
C GLY A 209 -9.90 -2.67 -9.83
N ALA A 210 -10.86 -3.46 -10.31
CA ALA A 210 -11.42 -3.31 -11.65
C ALA A 210 -12.25 -2.04 -11.72
N ASP A 211 -13.23 -1.92 -10.80
CA ASP A 211 -14.02 -0.72 -10.66
C ASP A 211 -13.41 0.15 -9.56
N LEU A 212 -12.88 1.32 -9.95
CA LEU A 212 -12.35 2.27 -8.99
C LEU A 212 -13.50 2.83 -8.17
N PRO A 213 -13.29 3.13 -6.86
CA PRO A 213 -14.34 3.70 -6.03
C PRO A 213 -14.56 5.18 -6.35
N SER A 214 -15.41 5.83 -5.54
CA SER A 214 -15.65 7.26 -5.66
C SER A 214 -14.36 8.01 -5.35
N ASN A 215 -14.32 9.29 -5.74
CA ASN A 215 -13.10 10.09 -5.73
C ASN A 215 -12.63 10.29 -4.29
N HIS A 216 -13.58 10.46 -3.36
CA HIS A 216 -13.28 10.70 -1.96
C HIS A 216 -12.53 9.52 -1.36
N VAL A 217 -12.90 8.29 -1.78
CA VAL A 217 -12.30 7.07 -1.27
C VAL A 217 -10.82 7.04 -1.64
N ILE A 218 -10.48 7.57 -2.82
CA ILE A 218 -9.11 7.60 -3.32
C ILE A 218 -8.33 8.71 -2.62
N ASP A 219 -9.00 9.85 -2.40
CA ASP A 219 -8.38 11.01 -1.76
C ASP A 219 -7.98 10.65 -0.32
N ARG A 220 -8.64 9.65 0.26
CA ARG A 220 -8.37 9.17 1.61
C ARG A 220 -6.90 8.76 1.74
N TRP A 221 -6.34 8.20 0.65
CA TRP A 221 -5.00 7.63 0.66
C TRP A 221 -3.92 8.68 0.40
N LEU A 222 -4.33 9.96 0.27
CA LEU A 222 -3.38 11.05 0.16
C LEU A 222 -2.73 11.27 1.53
N GLY A 223 -1.40 11.35 1.55
CA GLY A 223 -0.64 11.58 2.77
C GLY A 223 -0.33 10.28 3.50
N GLU A 224 -0.60 9.14 2.86
CA GLU A 224 -0.32 7.83 3.45
C GLU A 224 0.96 7.28 2.84
N PRO A 225 1.73 6.45 3.58
CA PRO A 225 2.98 5.90 3.07
C PRO A 225 2.74 4.74 2.07
N ILE A 226 2.42 5.12 0.83
CA ILE A 226 2.23 4.16 -0.24
C ILE A 226 3.59 3.90 -0.87
N LYS A 227 4.06 2.65 -0.79
CA LYS A 227 5.34 2.25 -1.35
C LYS A 227 5.13 1.44 -2.62
N ALA A 228 4.03 0.67 -2.68
CA ALA A 228 3.73 -0.16 -3.82
C ALA A 228 2.30 0.09 -4.30
N ALA A 229 2.07 -0.18 -5.59
CA ALA A 229 0.74 -0.16 -6.18
C ALA A 229 0.54 -1.43 -6.99
N ILE A 230 -0.21 -2.38 -6.43
CA ILE A 230 -0.43 -3.67 -7.05
C ILE A 230 -1.51 -3.53 -8.13
N LEU A 231 -1.16 -3.97 -9.35
CA LEU A 231 -2.05 -3.91 -10.49
C LEU A 231 -2.35 -5.33 -10.96
N PRO A 232 -3.60 -5.84 -10.81
CA PRO A 232 -3.98 -7.12 -11.40
C PRO A 232 -3.98 -7.02 -12.92
N THR A 233 -3.85 -8.17 -13.60
CA THR A 233 -3.89 -8.24 -15.05
C THR A 233 -5.33 -8.09 -15.53
N SER A 234 -6.29 -8.41 -14.64
CA SER A 234 -7.70 -8.44 -15.00
C SER A 234 -8.24 -7.04 -15.33
N ILE A 235 -7.65 -6.01 -14.73
CA ILE A 235 -8.17 -4.65 -14.83
C ILE A 235 -7.79 -4.02 -16.16
N PHE A 236 -6.93 -4.70 -16.95
CA PHE A 236 -6.45 -4.16 -18.21
C PHE A 236 -7.49 -4.40 -19.31
N LEU A 237 -7.82 -3.32 -20.02
CA LEU A 237 -8.65 -3.39 -21.22
C LEU A 237 -7.76 -3.79 -22.39
N THR A 238 -8.41 -4.08 -23.54
CA THR A 238 -7.69 -4.43 -24.75
C THR A 238 -8.05 -3.43 -25.84
N ASN A 239 -7.04 -3.03 -26.63
CA ASN A 239 -7.21 -2.03 -27.67
C ASN A 239 -7.45 -2.73 -29.00
N LYS A 240 -7.51 -1.94 -30.10
CA LYS A 240 -7.78 -2.45 -31.42
C LYS A 240 -6.64 -3.36 -31.90
N LYS A 241 -5.40 -3.03 -31.50
CA LYS A 241 -4.23 -3.81 -31.86
C LYS A 241 -4.27 -5.18 -31.18
N GLY A 242 -4.85 -5.23 -29.97
CA GLY A 242 -4.99 -6.46 -29.23
C GLY A 242 -3.92 -6.61 -28.15
N PHE A 243 -3.64 -5.50 -27.44
CA PHE A 243 -2.62 -5.46 -26.41
C PHE A 243 -3.19 -4.77 -25.17
N PRO A 244 -2.66 -5.03 -23.96
CA PRO A 244 -3.24 -4.49 -22.73
C PRO A 244 -3.14 -2.96 -22.62
N VAL A 245 -4.24 -2.35 -22.15
CA VAL A 245 -4.30 -0.92 -21.88
C VAL A 245 -5.16 -0.72 -20.63
N LEU A 246 -5.29 0.55 -20.19
CA LEU A 246 -6.10 0.89 -19.03
C LEU A 246 -7.10 1.97 -19.43
N SER A 247 -8.14 2.15 -18.58
CA SER A 247 -9.15 3.16 -18.81
C SER A 247 -8.60 4.54 -18.50
N LYS A 248 -9.37 5.57 -18.85
CA LYS A 248 -9.00 6.96 -18.59
C LYS A 248 -9.07 7.25 -17.09
N MET A 249 -9.93 6.48 -16.38
CA MET A 249 -10.03 6.57 -14.93
C MET A 249 -8.74 6.07 -14.29
N HIS A 250 -8.29 4.88 -14.73
CA HIS A 250 -7.09 4.26 -14.20
C HIS A 250 -5.84 5.04 -14.61
N GLN A 251 -5.86 5.62 -15.82
CA GLN A 251 -4.74 6.38 -16.33
C GLN A 251 -4.43 7.57 -15.42
N ARG A 252 -5.49 8.27 -15.00
CA ARG A 252 -5.33 9.44 -14.14
C ARG A 252 -4.78 9.03 -12.77
N LEU A 253 -5.15 7.82 -12.32
CA LEU A 253 -4.70 7.30 -11.04
C LEU A 253 -3.22 6.97 -11.11
N ILE A 254 -2.79 6.32 -12.20
CA ILE A 254 -1.39 5.94 -12.40
C ILE A 254 -0.53 7.20 -12.50
N PHE A 255 -1.08 8.24 -13.14
CA PHE A 255 -0.38 9.51 -13.28
C PHE A 255 -0.13 10.13 -11.90
N ARG A 256 -1.14 10.04 -11.01
CA ARG A 256 -1.02 10.49 -9.64
C ARG A 256 0.01 9.66 -8.87
N LEU A 257 0.03 8.34 -9.12
CA LEU A 257 0.90 7.42 -8.40
C LEU A 257 2.36 7.61 -8.84
N LEU A 258 2.56 8.04 -10.09
CA LEU A 258 3.90 8.26 -10.62
C LEU A 258 4.55 9.46 -9.94
N LYS A 259 3.73 10.43 -9.50
CA LYS A 259 4.22 11.60 -8.78
C LYS A 259 4.75 11.18 -7.40
N LEU A 260 4.09 10.20 -6.77
CA LEU A 260 4.51 9.68 -5.47
C LEU A 260 5.75 8.81 -5.61
N GLU A 261 6.06 8.38 -6.84
CA GLU A 261 7.19 7.50 -7.11
C GLU A 261 7.03 6.22 -6.31
N VAL A 262 5.96 5.48 -6.61
CA VAL A 262 5.72 4.17 -6.03
C VAL A 262 6.26 3.11 -6.98
N GLN A 263 6.35 1.87 -6.49
CA GLN A 263 6.81 0.75 -7.30
C GLN A 263 5.61 -0.10 -7.69
N PHE A 264 5.38 -0.21 -9.01
CA PHE A 264 4.20 -0.87 -9.53
C PHE A 264 4.45 -2.37 -9.60
N ILE A 265 3.54 -3.15 -9.00
CA ILE A 265 3.61 -4.60 -9.00
C ILE A 265 2.51 -5.13 -9.91
N ILE A 266 2.85 -6.13 -10.73
CA ILE A 266 1.89 -6.81 -11.59
C ILE A 266 1.58 -8.17 -10.95
N THR A 267 0.29 -8.49 -10.83
CA THR A 267 -0.17 -9.73 -10.24
C THR A 267 -1.22 -10.37 -11.15
N GLY A 268 -1.31 -11.70 -11.09
CA GLY A 268 -2.30 -12.46 -11.85
C GLY A 268 -1.71 -13.06 -13.13
N THR A 269 -2.49 -13.90 -13.80
CA THR A 269 -2.05 -14.64 -14.97
C THR A 269 -2.17 -13.75 -16.21
N ASN A 270 -1.63 -14.25 -17.33
CA ASN A 270 -1.60 -13.53 -18.58
C ASN A 270 -2.94 -13.72 -19.30
N HIS A 271 -3.83 -12.72 -19.16
CA HIS A 271 -5.13 -12.74 -19.82
C HIS A 271 -4.95 -12.38 -21.29
N HIS A 272 -3.94 -11.56 -21.59
CA HIS A 272 -3.53 -11.29 -22.96
C HIS A 272 -2.51 -12.35 -23.39
N SER A 273 -3.02 -13.54 -23.71
CA SER A 273 -2.19 -14.71 -23.96
C SER A 273 -1.40 -14.58 -25.26
N GLU A 274 -1.99 -13.89 -26.25
CA GLU A 274 -1.39 -13.76 -27.57
C GLU A 274 -0.12 -12.91 -27.50
N LYS A 275 -0.08 -11.95 -26.58
CA LYS A 275 1.07 -11.07 -26.41
C LYS A 275 1.97 -11.57 -25.30
N GLU A 276 3.13 -10.92 -25.15
CA GLU A 276 4.07 -11.22 -24.06
C GLU A 276 3.57 -10.59 -22.77
N PHE A 277 4.25 -10.92 -21.67
CA PHE A 277 3.93 -10.38 -20.35
C PHE A 277 4.61 -9.02 -20.16
N CYS A 278 5.58 -8.73 -21.04
CA CYS A 278 6.29 -7.46 -21.02
C CYS A 278 5.36 -6.31 -21.41
N SER A 279 4.32 -6.63 -22.21
CA SER A 279 3.39 -5.65 -22.72
C SER A 279 2.74 -4.85 -21.59
N TYR A 280 2.40 -5.53 -20.49
CA TYR A 280 1.82 -4.86 -19.33
C TYR A 280 2.77 -3.79 -18.82
N LEU A 281 4.04 -4.17 -18.61
CA LEU A 281 5.07 -3.28 -18.10
C LEU A 281 5.35 -2.16 -19.11
N GLN A 282 5.38 -2.52 -20.40
CA GLN A 282 5.65 -1.57 -21.46
C GLN A 282 4.60 -0.47 -21.49
N TYR A 283 3.37 -0.79 -21.05
CA TYR A 283 2.29 0.19 -21.01
C TYR A 283 2.53 1.19 -19.88
N LEU A 284 3.04 0.69 -18.74
CA LEU A 284 3.36 1.55 -17.61
C LEU A 284 4.51 2.48 -17.98
N GLU A 285 5.50 1.93 -18.71
CA GLU A 285 6.57 2.73 -19.28
C GLU A 285 6.00 3.78 -20.22
N TYR A 286 5.09 3.35 -21.10
CA TYR A 286 4.43 4.23 -22.05
C TYR A 286 3.78 5.41 -21.32
N LEU A 287 3.14 5.11 -20.18
CA LEU A 287 2.51 6.14 -19.36
C LEU A 287 3.57 7.02 -18.69
N SER A 288 4.66 6.38 -18.23
CA SER A 288 5.73 7.07 -17.53
C SER A 288 6.33 8.17 -18.41
N GLN A 289 6.61 7.83 -19.67
CA GLN A 289 7.20 8.77 -20.61
C GLN A 289 6.17 9.86 -20.95
N ASN A 290 4.90 9.47 -21.07
CA ASN A 290 3.83 10.36 -21.46
C ASN A 290 3.19 10.97 -20.20
N ARG A 291 3.89 11.94 -19.61
CA ARG A 291 3.36 12.74 -18.52
C ARG A 291 3.78 14.19 -18.72
N PRO A 292 3.14 15.18 -18.05
CA PRO A 292 3.62 16.56 -18.09
C PRO A 292 4.99 16.66 -17.43
N PRO A 293 6.05 17.11 -18.15
CA PRO A 293 7.41 17.13 -17.61
C PRO A 293 7.57 18.08 -16.43
N PRO A 294 8.60 17.90 -15.57
CA PRO A 294 8.79 18.74 -14.39
C PRO A 294 9.16 20.17 -14.77
N ASN A 295 8.44 21.14 -14.19
CA ASN A 295 8.72 22.55 -14.40
C ASN A 295 9.98 22.93 -13.61
N ALA A 296 10.38 24.20 -13.71
CA ALA A 296 11.56 24.70 -13.02
C ALA A 296 11.46 24.46 -11.51
N TYR A 297 10.24 24.54 -10.97
CA TYR A 297 9.99 24.30 -9.55
C TYR A 297 10.29 22.85 -9.22
N GLU A 298 9.63 21.92 -9.93
CA GLU A 298 9.72 20.50 -9.63
C GLU A 298 11.08 19.94 -10.04
N LEU A 299 11.74 20.61 -11.00
CA LEU A 299 13.10 20.25 -11.39
C LEU A 299 14.04 20.44 -10.21
N PHE A 300 13.97 21.63 -9.59
CA PHE A 300 14.84 21.98 -8.47
C PHE A 300 14.41 21.24 -7.21
N ALA A 301 13.09 21.08 -7.04
CA ALA A 301 12.52 20.48 -5.83
C ALA A 301 12.86 19.00 -5.75
N LYS A 302 12.98 18.34 -6.91
CA LYS A 302 13.28 16.91 -6.97
C LYS A 302 14.50 16.60 -6.09
N GLY A 303 14.24 16.03 -4.91
CA GLY A 303 15.28 15.71 -3.95
C GLY A 303 14.86 16.02 -2.52
N TYR A 304 14.08 17.10 -2.35
CA TYR A 304 13.72 17.60 -1.03
C TYR A 304 12.28 17.24 -0.69
N GLU A 305 11.75 16.18 -1.32
CA GLU A 305 10.38 15.75 -1.08
C GLU A 305 10.22 15.31 0.37
N ASP A 306 9.42 16.07 1.12
CA ASP A 306 9.10 15.76 2.52
C ASP A 306 10.38 15.67 3.34
N TYR A 307 11.33 16.59 3.09
CA TYR A 307 12.55 16.68 3.85
C TYR A 307 12.45 17.86 4.81
N LEU A 308 12.46 17.57 6.11
CA LEU A 308 12.30 18.60 7.13
C LEU A 308 13.61 19.36 7.30
N GLN A 309 13.51 20.69 7.27
CA GLN A 309 14.64 21.57 7.49
C GLN A 309 14.23 22.67 8.45
N SER A 310 15.19 23.15 9.25
CA SER A 310 14.92 24.18 10.25
C SER A 310 14.79 25.54 9.56
N PRO A 311 13.82 26.40 9.95
CA PRO A 311 13.70 27.73 9.36
C PRO A 311 14.95 28.58 9.59
N LEU A 312 15.40 29.27 8.53
CA LEU A 312 16.56 30.13 8.60
C LEU A 312 16.23 31.33 9.49
N GLN A 313 17.23 31.78 10.26
CA GLN A 313 17.13 32.99 11.06
C GLN A 313 18.31 33.89 10.75
N PRO A 314 18.29 34.62 9.61
CA PRO A 314 19.40 35.49 9.21
C PRO A 314 19.71 36.69 10.12
N LEU A 315 18.82 36.96 11.09
CA LEU A 315 19.09 37.98 12.10
C LEU A 315 19.99 37.39 13.18
N MET A 316 19.53 36.29 13.79
CA MET A 316 20.24 35.64 14.88
C MET A 316 21.55 35.04 14.35
N ASP A 317 21.47 34.40 13.18
CA ASP A 317 22.62 33.75 12.57
C ASP A 317 23.17 34.60 11.43
N ASN A 318 24.44 34.38 11.09
CA ASN A 318 25.04 34.94 9.88
C ASN A 318 25.03 33.87 8.80
N LEU A 319 24.33 34.16 7.70
CA LEU A 319 24.15 33.19 6.62
C LEU A 319 25.49 32.95 5.93
N GLU A 320 25.67 31.71 5.44
CA GLU A 320 26.87 31.32 4.72
C GLU A 320 26.82 31.87 3.29
N SER A 321 27.95 31.75 2.59
CA SER A 321 28.07 32.24 1.22
C SER A 321 27.09 31.50 0.30
N GLN A 322 27.02 30.17 0.43
CA GLN A 322 26.24 29.34 -0.47
C GLN A 322 24.75 29.41 -0.13
N THR A 323 24.42 29.95 1.05
CA THR A 323 23.03 30.23 1.39
C THR A 323 22.56 31.46 0.62
N TYR A 324 23.44 32.48 0.51
CA TYR A 324 23.15 33.67 -0.26
C TYR A 324 23.14 33.33 -1.75
N GLU A 325 23.96 32.35 -2.15
CA GLU A 325 24.10 31.96 -3.54
C GLU A 325 22.76 31.46 -4.09
N VAL A 326 22.09 30.59 -3.31
CA VAL A 326 20.87 29.94 -3.75
C VAL A 326 19.70 30.93 -3.73
N PHE A 327 19.78 31.94 -2.86
CA PHE A 327 18.83 33.04 -2.86
C PHE A 327 18.92 33.79 -4.20
N GLU A 328 20.16 34.07 -4.61
CA GLU A 328 20.45 34.86 -5.80
C GLU A 328 20.07 34.11 -7.07
N LYS A 329 19.99 32.77 -6.98
CA LYS A 329 19.67 31.92 -8.13
C LYS A 329 18.16 31.84 -8.33
N ASP A 330 17.44 32.92 -7.99
CA ASP A 330 16.00 33.02 -8.22
C ASP A 330 15.71 34.32 -8.96
N PRO A 331 15.80 34.35 -10.30
CA PRO A 331 15.71 35.60 -11.06
C PRO A 331 14.30 36.23 -11.12
N ILE A 332 13.28 35.44 -10.80
CA ILE A 332 11.90 35.90 -10.87
C ILE A 332 11.67 36.88 -9.73
N LYS A 333 12.18 36.56 -8.54
CA LYS A 333 11.98 37.37 -7.35
C LYS A 333 12.55 38.76 -7.54
N TYR A 334 13.77 38.85 -8.07
CA TYR A 334 14.48 40.12 -8.15
C TYR A 334 13.94 40.95 -9.32
N SER A 335 13.44 40.27 -10.36
CA SER A 335 12.79 40.95 -11.47
C SER A 335 11.53 41.66 -10.99
N GLN A 336 10.85 41.04 -10.00
CA GLN A 336 9.67 41.64 -9.38
C GLN A 336 10.10 42.82 -8.50
N TYR A 337 11.21 42.66 -7.78
CA TYR A 337 11.76 43.74 -6.97
C TYR A 337 12.21 44.89 -7.88
N GLN A 338 12.82 44.53 -9.02
CA GLN A 338 13.28 45.51 -9.99
C GLN A 338 12.08 46.31 -10.51
N GLN A 339 11.02 45.60 -10.88
CA GLN A 339 9.82 46.20 -11.43
C GLN A 339 9.11 47.04 -10.38
N ALA A 340 9.13 46.58 -9.12
CA ALA A 340 8.48 47.26 -8.01
C ALA A 340 9.11 48.64 -7.80
N ILE A 341 10.44 48.67 -7.75
CA ILE A 341 11.20 49.89 -7.52
C ILE A 341 11.04 50.79 -8.75
N TYR A 342 11.13 50.20 -9.94
CA TYR A 342 10.98 50.90 -11.20
C TYR A 342 9.74 51.79 -11.17
N LYS A 343 8.58 51.20 -10.79
CA LYS A 343 7.33 51.93 -10.78
C LYS A 343 7.34 53.02 -9.72
N CYS A 344 7.86 52.69 -8.53
CA CYS A 344 7.85 53.61 -7.40
C CYS A 344 8.67 54.87 -7.72
N LEU A 345 9.74 54.70 -8.50
CA LEU A 345 10.58 55.82 -8.91
C LEU A 345 9.78 56.77 -9.81
N LEU A 346 8.98 56.19 -10.71
CA LEU A 346 8.20 56.97 -11.67
C LEU A 346 7.09 57.74 -10.96
N ASP A 347 6.51 57.13 -9.91
CA ASP A 347 5.41 57.75 -9.17
C ASP A 347 5.93 58.90 -8.32
N ARG A 348 7.10 58.72 -7.70
CA ARG A 348 7.64 59.68 -6.75
C ARG A 348 8.32 60.83 -7.47
N VAL A 349 8.94 60.54 -8.63
CA VAL A 349 9.67 61.55 -9.39
C VAL A 349 8.98 61.76 -10.74
N PRO A 350 8.43 62.97 -11.01
CA PRO A 350 7.83 63.26 -12.32
C PRO A 350 8.88 63.42 -13.42
N GLU A 351 8.41 63.66 -14.65
CA GLU A 351 9.27 63.73 -15.81
C GLU A 351 10.07 65.04 -15.80
N GLU A 352 9.47 66.10 -15.28
CA GLU A 352 10.09 67.43 -15.28
C GLU A 352 11.16 67.52 -14.19
N GLU A 353 11.12 66.62 -13.20
CA GLU A 353 12.10 66.59 -12.13
C GLU A 353 13.00 65.36 -12.28
N LYS A 354 13.38 65.03 -13.52
CA LYS A 354 14.13 63.82 -13.81
C LYS A 354 15.55 63.94 -13.27
N ASP A 355 16.21 65.08 -13.54
CA ASP A 355 17.61 65.27 -13.20
C ASP A 355 17.78 66.32 -12.11
N THR A 356 16.69 66.66 -11.42
CA THR A 356 16.75 67.53 -10.25
C THR A 356 16.69 66.69 -8.99
N ASN A 357 15.78 65.70 -8.99
CA ASN A 357 15.47 64.90 -7.80
C ASN A 357 16.27 63.60 -7.83
N VAL A 358 17.11 63.40 -6.81
CA VAL A 358 17.80 62.15 -6.58
C VAL A 358 17.12 61.46 -5.41
N GLN A 359 16.59 60.25 -5.65
CA GLN A 359 15.87 59.49 -4.64
C GLN A 359 16.87 58.74 -3.75
N VAL A 360 16.62 58.78 -2.44
CA VAL A 360 17.46 58.09 -1.47
C VAL A 360 16.88 56.70 -1.21
N LEU A 361 17.52 55.68 -1.79
CA LEU A 361 17.16 54.29 -1.55
C LEU A 361 18.05 53.72 -0.46
N MET A 362 17.50 52.77 0.32
CA MET A 362 18.22 52.13 1.40
C MET A 362 17.85 50.65 1.45
N VAL A 363 18.72 49.81 0.88
CA VAL A 363 18.54 48.36 0.95
C VAL A 363 18.88 47.93 2.38
N LEU A 364 17.85 47.48 3.12
CA LEU A 364 18.03 47.04 4.50
C LEU A 364 18.18 45.52 4.52
N GLY A 365 19.42 45.06 4.72
CA GLY A 365 19.76 43.66 4.60
C GLY A 365 20.20 43.34 3.17
N ALA A 366 21.36 43.88 2.79
CA ALA A 366 21.80 43.90 1.40
C ALA A 366 22.37 42.54 0.98
N GLY A 367 22.83 41.73 1.95
CA GLY A 367 23.40 40.44 1.64
C GLY A 367 24.65 40.59 0.78
N ARG A 368 24.70 39.85 -0.34
CA ARG A 368 25.78 39.98 -1.29
C ARG A 368 25.38 40.94 -2.41
N GLY A 369 24.24 41.64 -2.23
CA GLY A 369 23.87 42.77 -3.06
C GLY A 369 23.16 42.37 -4.36
N PRO A 370 22.06 41.58 -4.30
CA PRO A 370 21.20 41.40 -5.48
C PRO A 370 20.22 42.56 -5.68
N LEU A 371 19.79 43.17 -4.57
CA LEU A 371 18.84 44.28 -4.59
C LEU A 371 19.54 45.56 -5.03
N VAL A 372 20.76 45.79 -4.51
CA VAL A 372 21.57 46.93 -4.92
C VAL A 372 21.62 46.93 -6.45
N ASN A 373 21.96 45.77 -7.03
CA ASN A 373 22.01 45.59 -8.48
C ASN A 373 20.64 45.88 -9.09
N ALA A 374 19.58 45.26 -8.54
CA ALA A 374 18.23 45.43 -9.03
C ALA A 374 17.81 46.90 -8.98
N SER A 375 18.20 47.59 -7.91
CA SER A 375 17.91 49.01 -7.74
C SER A 375 18.62 49.84 -8.81
N LEU A 376 19.82 49.38 -9.22
CA LEU A 376 20.56 50.05 -10.28
C LEU A 376 19.88 49.84 -11.62
N ARG A 377 19.44 48.60 -11.89
CA ARG A 377 18.75 48.27 -13.12
C ARG A 377 17.42 49.03 -13.19
N ALA A 378 16.71 49.08 -12.06
CA ALA A 378 15.40 49.72 -11.98
C ALA A 378 15.51 51.22 -12.26
N ALA A 379 16.59 51.83 -11.79
CA ALA A 379 16.82 53.27 -11.96
C ALA A 379 17.19 53.58 -13.41
N LYS A 380 17.84 52.63 -14.09
CA LYS A 380 18.32 52.82 -15.45
C LYS A 380 17.16 52.68 -16.44
N GLN A 381 16.30 51.68 -16.24
CA GLN A 381 15.16 51.46 -17.12
C GLN A 381 14.13 52.58 -16.90
N ALA A 382 14.06 53.09 -15.67
CA ALA A 382 13.19 54.21 -15.34
C ALA A 382 13.82 55.52 -15.81
N ASP A 383 15.16 55.58 -15.79
CA ASP A 383 15.91 56.77 -16.14
C ASP A 383 15.70 57.84 -15.07
N ARG A 384 16.04 57.48 -13.82
CA ARG A 384 15.93 58.37 -12.68
C ARG A 384 17.18 58.24 -11.81
N ARG A 385 17.50 59.31 -11.08
CA ARG A 385 18.72 59.38 -10.27
C ARG A 385 18.43 58.81 -8.89
N ILE A 386 19.36 58.01 -8.36
CA ILE A 386 19.21 57.39 -7.05
C ILE A 386 20.51 57.50 -6.27
N LYS A 387 20.37 57.49 -4.93
CA LYS A 387 21.50 57.40 -4.01
C LYS A 387 21.26 56.21 -3.10
N LEU A 388 22.15 55.21 -3.20
CA LEU A 388 21.95 53.92 -2.54
C LEU A 388 22.77 53.84 -1.26
N TYR A 389 22.13 53.32 -0.21
CA TYR A 389 22.82 52.76 0.95
C TYR A 389 22.62 51.25 0.90
N ALA A 390 23.53 50.52 1.55
CA ALA A 390 23.46 49.08 1.62
C ALA A 390 23.76 48.62 3.04
N VAL A 391 22.72 48.63 3.88
CA VAL A 391 22.86 48.25 5.29
C VAL A 391 22.86 46.73 5.38
N GLU A 392 23.87 46.19 6.08
CA GLU A 392 24.01 44.76 6.28
C GLU A 392 24.76 44.51 7.59
N LYS A 393 24.19 43.66 8.45
CA LYS A 393 24.76 43.39 9.77
C LYS A 393 25.80 42.29 9.67
N ASN A 394 25.53 41.27 8.84
CA ASN A 394 26.44 40.16 8.63
C ASN A 394 27.75 40.70 8.07
N PRO A 395 28.86 40.66 8.85
CA PRO A 395 30.13 41.25 8.42
C PRO A 395 30.83 40.44 7.33
N ASN A 396 30.48 39.16 7.21
CA ASN A 396 31.06 38.28 6.20
C ASN A 396 30.54 38.66 4.82
N ALA A 397 29.26 39.04 4.75
CA ALA A 397 28.62 39.47 3.51
C ALA A 397 29.12 40.86 3.12
N VAL A 398 29.38 41.71 4.14
CA VAL A 398 29.85 43.07 3.92
C VAL A 398 31.18 43.06 3.17
N VAL A 399 31.96 41.97 3.32
CA VAL A 399 33.20 41.80 2.58
C VAL A 399 32.88 41.71 1.09
N THR A 400 31.80 41.00 0.75
CA THR A 400 31.38 40.84 -0.63
C THR A 400 30.94 42.20 -1.20
N LEU A 401 30.14 42.92 -0.40
CA LEU A 401 29.56 44.19 -0.80
C LEU A 401 30.67 45.20 -1.14
N GLU A 402 31.66 45.31 -0.26
CA GLU A 402 32.70 46.34 -0.38
C GLU A 402 33.60 46.05 -1.57
N ASN A 403 33.86 44.77 -1.85
CA ASN A 403 34.66 44.37 -3.00
C ASN A 403 33.92 44.69 -4.30
N TRP A 404 32.61 44.38 -4.33
CA TRP A 404 31.76 44.79 -5.43
C TRP A 404 31.72 46.31 -5.55
N GLN A 405 31.55 47.00 -4.41
CA GLN A 405 31.36 48.45 -4.39
C GLN A 405 32.61 49.14 -4.95
N PHE A 406 33.79 48.64 -4.55
CA PHE A 406 35.05 49.22 -5.00
C PHE A 406 35.20 49.01 -6.51
N GLU A 407 34.95 47.77 -6.97
CA GLU A 407 35.20 47.40 -8.35
C GLU A 407 34.13 47.97 -9.28
N GLU A 408 32.85 47.80 -8.91
CA GLU A 408 31.75 47.97 -9.84
C GLU A 408 30.95 49.23 -9.52
N TRP A 409 30.30 49.26 -8.35
CA TRP A 409 29.29 50.27 -8.05
C TRP A 409 29.91 51.66 -7.96
N GLY A 410 30.74 51.89 -6.93
CA GLY A 410 31.35 53.18 -6.70
C GLY A 410 30.71 53.92 -5.53
N SER A 411 30.78 55.25 -5.57
CA SER A 411 30.39 56.10 -4.46
C SER A 411 28.88 56.34 -4.42
N GLN A 412 28.17 55.88 -5.46
CA GLN A 412 26.71 55.95 -5.48
C GLN A 412 26.15 55.03 -4.39
N VAL A 413 26.78 53.86 -4.21
CA VAL A 413 26.40 52.92 -3.16
C VAL A 413 27.29 53.17 -1.95
N THR A 414 26.66 53.41 -0.79
CA THR A 414 27.38 53.57 0.47
C THR A 414 27.11 52.33 1.33
N VAL A 415 28.10 51.44 1.40
CA VAL A 415 27.98 50.21 2.17
C VAL A 415 28.08 50.56 3.66
N VAL A 416 27.05 50.17 4.41
CA VAL A 416 27.01 50.35 5.86
C VAL A 416 27.05 48.97 6.50
N SER A 417 27.93 48.80 7.50
CA SER A 417 28.09 47.55 8.20
C SER A 417 27.49 47.68 9.61
N SER A 418 26.18 47.50 9.70
CA SER A 418 25.46 47.77 10.95
C SER A 418 24.10 47.08 10.96
N ASP A 419 23.52 47.00 12.17
CA ASP A 419 22.13 46.64 12.35
C ASP A 419 21.28 47.85 11.98
N MET A 420 20.13 47.61 11.32
CA MET A 420 19.28 48.69 10.86
C MET A 420 18.54 49.31 12.05
N ARG A 421 18.37 48.54 13.13
CA ARG A 421 17.69 49.01 14.33
C ARG A 421 18.60 49.95 15.12
N GLU A 422 19.92 49.80 14.94
CA GLU A 422 20.92 50.58 15.66
C GLU A 422 21.36 51.79 14.83
N TRP A 423 21.66 51.53 13.54
CA TRP A 423 22.28 52.49 12.65
C TRP A 423 21.66 53.87 12.80
N VAL A 424 22.52 54.88 13.05
CA VAL A 424 22.13 56.27 13.04
C VAL A 424 22.33 56.81 11.62
N ALA A 425 21.21 57.06 10.93
CA ALA A 425 21.25 57.45 9.53
C ALA A 425 21.67 58.91 9.40
N PRO A 426 22.58 59.25 8.46
CA PRO A 426 22.93 60.65 8.19
C PRO A 426 21.97 61.36 7.24
N GLU A 427 20.93 60.65 6.81
CA GLU A 427 19.98 61.12 5.81
C GLU A 427 18.74 60.25 5.87
N LYS A 428 17.57 60.82 5.59
CA LYS A 428 16.32 60.07 5.58
C LYS A 428 16.06 59.53 4.18
N ALA A 429 15.36 58.40 4.11
CA ALA A 429 15.16 57.67 2.87
C ALA A 429 13.81 58.01 2.26
N ASP A 430 13.77 58.03 0.92
CA ASP A 430 12.52 58.12 0.17
C ASP A 430 11.93 56.73 0.00
N ILE A 431 12.82 55.73 -0.20
CA ILE A 431 12.43 54.33 -0.30
C ILE A 431 13.34 53.51 0.60
N ILE A 432 12.77 52.51 1.27
CA ILE A 432 13.55 51.44 1.90
C ILE A 432 13.15 50.13 1.24
N VAL A 433 14.16 49.31 0.90
CA VAL A 433 13.94 48.03 0.26
C VAL A 433 14.49 46.94 1.18
N SER A 434 13.70 45.88 1.40
CA SER A 434 14.09 44.82 2.30
C SER A 434 13.76 43.45 1.68
N GLU A 435 14.41 42.41 2.20
CA GLU A 435 14.23 41.04 1.74
C GLU A 435 14.24 40.14 2.97
N LEU A 436 13.51 40.56 4.01
CA LEU A 436 13.61 39.97 5.34
C LEU A 436 12.49 38.97 5.59
N LEU A 437 11.96 38.38 4.52
CA LEU A 437 10.77 37.53 4.63
C LEU A 437 11.17 36.07 4.50
N GLY A 438 10.64 35.24 5.41
CA GLY A 438 10.79 33.79 5.35
C GLY A 438 9.54 33.14 4.76
N SER A 439 9.38 31.84 5.03
CA SER A 439 8.30 31.05 4.46
C SER A 439 6.97 31.37 5.13
N PHE A 440 7.02 31.86 6.38
CA PHE A 440 5.83 32.30 7.08
C PHE A 440 5.83 33.83 7.19
N ALA A 441 6.48 34.48 6.21
CA ALA A 441 6.61 35.93 6.13
C ALA A 441 7.40 36.49 7.31
N ASP A 442 6.75 36.58 8.48
CA ASP A 442 7.26 37.33 9.61
C ASP A 442 8.13 36.45 10.53
N ASN A 443 8.55 35.28 10.04
CA ASN A 443 9.28 34.32 10.85
C ASN A 443 10.77 34.70 10.94
N GLU A 444 11.19 35.71 10.15
CA GLU A 444 12.53 36.25 10.24
C GLU A 444 12.53 37.61 10.94
N LEU A 445 11.39 37.96 11.55
CA LEU A 445 11.25 39.17 12.34
C LEU A 445 11.43 40.41 11.46
N SER A 446 10.85 40.37 10.26
CA SER A 446 10.79 41.52 9.38
C SER A 446 10.04 42.68 10.06
N PRO A 447 8.92 42.41 10.78
CA PRO A 447 8.21 43.46 11.50
C PRO A 447 9.10 44.27 12.46
N GLU A 448 9.91 43.57 13.26
CA GLU A 448 10.71 44.22 14.31
C GLU A 448 11.83 45.03 13.68
N CYS A 449 12.48 44.47 12.65
CA CYS A 449 13.61 45.13 12.01
C CYS A 449 13.17 46.40 11.31
N LEU A 450 12.06 46.33 10.56
CA LEU A 450 11.58 47.46 9.78
C LEU A 450 10.93 48.52 10.67
N ASP A 451 10.39 48.09 11.82
CA ASP A 451 9.89 49.02 12.82
C ASP A 451 11.04 49.86 13.38
N GLY A 452 12.18 49.19 13.62
CA GLY A 452 13.35 49.84 14.18
C GLY A 452 14.08 50.71 13.16
N ALA A 453 13.84 50.46 11.87
CA ALA A 453 14.45 51.21 10.78
C ALA A 453 13.49 52.27 10.25
N GLN A 454 12.34 52.43 10.91
CA GLN A 454 11.25 53.24 10.41
C GLN A 454 11.55 54.72 10.60
N HIS A 455 12.35 55.05 11.62
CA HIS A 455 12.59 56.43 12.03
C HIS A 455 13.33 57.22 10.94
N PHE A 456 14.18 56.55 10.14
CA PHE A 456 14.95 57.24 9.13
C PHE A 456 14.28 57.13 7.75
N LEU A 457 12.98 56.80 7.75
CA LEU A 457 12.16 56.92 6.54
C LEU A 457 11.51 58.30 6.54
N LYS A 458 11.41 58.91 5.35
CA LYS A 458 10.72 60.18 5.20
C LYS A 458 9.25 60.01 5.55
N ASP A 459 8.61 61.11 5.96
CA ASP A 459 7.21 61.09 6.39
C ASP A 459 6.31 60.61 5.25
N ASP A 460 6.75 60.81 4.01
CA ASP A 460 6.04 60.36 2.83
C ASP A 460 6.79 59.21 2.15
N GLY A 461 7.59 58.47 2.93
CA GLY A 461 8.48 57.46 2.38
C GLY A 461 7.74 56.16 2.10
N VAL A 462 8.34 55.33 1.23
CA VAL A 462 7.76 54.06 0.81
C VAL A 462 8.61 52.93 1.37
N SER A 463 7.95 51.79 1.66
CA SER A 463 8.63 50.56 2.04
C SER A 463 8.31 49.48 1.00
N ILE A 464 9.36 48.76 0.58
CA ILE A 464 9.21 47.64 -0.34
C ILE A 464 9.86 46.42 0.32
N PRO A 465 9.09 45.42 0.82
CA PRO A 465 7.64 45.37 0.65
C PRO A 465 6.85 46.28 1.58
N GLY A 466 5.68 46.73 1.10
CA GLY A 466 4.79 47.59 1.86
C GLY A 466 3.82 46.78 2.73
N GLU A 467 3.67 45.48 2.42
CA GLU A 467 2.76 44.62 3.15
C GLU A 467 3.11 43.16 2.89
N TYR A 468 2.82 42.30 3.87
CA TYR A 468 2.92 40.86 3.69
C TYR A 468 1.95 40.16 4.65
N THR A 469 1.45 39.00 4.21
CA THR A 469 0.48 38.22 4.96
C THR A 469 0.91 36.76 4.98
N SER A 470 0.61 36.08 6.09
CA SER A 470 0.85 34.64 6.23
C SER A 470 -0.47 33.89 6.14
N PHE A 471 -0.43 32.68 5.56
CA PHE A 471 -1.60 31.85 5.41
C PHE A 471 -1.37 30.49 6.08
N LEU A 472 -2.46 29.82 6.47
CA LEU A 472 -2.40 28.50 7.07
C LEU A 472 -3.44 27.60 6.41
N ALA A 473 -3.14 26.31 6.33
CA ALA A 473 -4.07 25.31 5.84
C ALA A 473 -3.82 23.98 6.55
N PRO A 474 -4.87 23.31 7.07
CA PRO A 474 -4.70 22.02 7.75
C PRO A 474 -4.32 20.93 6.75
N ILE A 475 -3.46 20.00 7.18
CA ILE A 475 -2.98 18.94 6.30
C ILE A 475 -3.04 17.60 7.03
N SER A 476 -3.31 16.55 6.25
CA SER A 476 -3.17 15.17 6.71
C SER A 476 -1.99 14.53 6.00
N SER A 477 -0.97 14.14 6.78
CA SER A 477 0.18 13.43 6.26
C SER A 477 0.77 12.53 7.34
N SER A 478 0.48 11.23 7.24
CA SER A 478 1.01 10.23 8.14
C SER A 478 2.52 10.08 7.93
N LYS A 479 2.99 10.46 6.74
CA LYS A 479 4.41 10.46 6.41
C LYS A 479 5.13 11.55 7.21
N LEU A 480 4.67 12.79 7.05
CA LEU A 480 5.31 13.96 7.64
C LEU A 480 5.23 13.89 9.17
N TYR A 481 4.09 13.44 9.70
CA TYR A 481 3.93 13.24 11.13
C TYR A 481 5.03 12.30 11.63
N ASN A 482 5.25 11.22 10.89
CA ASN A 482 6.20 10.18 11.28
C ASN A 482 7.62 10.70 11.09
N GLU A 483 7.79 11.70 10.21
CA GLU A 483 9.07 12.32 9.95
C GLU A 483 9.47 13.21 11.12
N VAL A 484 8.52 14.05 11.58
CA VAL A 484 8.74 14.95 12.70
C VAL A 484 9.08 14.13 13.94
N ARG A 485 8.24 13.12 14.21
CA ARG A 485 8.42 12.17 15.30
C ARG A 485 9.89 11.77 15.44
N ALA A 486 10.53 11.51 14.30
CA ALA A 486 11.88 10.97 14.25
C ALA A 486 12.94 12.06 14.42
N CYS A 487 12.53 13.29 14.75
CA CYS A 487 13.47 14.38 15.02
C CYS A 487 13.69 14.53 16.53
N ARG A 488 13.42 13.47 17.30
CA ARG A 488 13.67 13.49 18.74
C ARG A 488 15.16 13.42 18.99
N GLU A 489 15.66 14.30 19.86
CA GLU A 489 17.08 14.42 20.13
C GLU A 489 17.33 14.27 21.62
N LYS A 490 18.55 13.81 21.96
CA LYS A 490 19.00 13.69 23.33
C LYS A 490 18.98 15.06 24.00
N ASP A 491 18.80 15.07 25.33
CA ASP A 491 19.10 16.22 26.16
C ASP A 491 18.14 17.38 25.89
N ARG A 492 16.89 17.06 25.52
CA ARG A 492 15.84 18.06 25.41
C ARG A 492 14.49 17.37 25.62
N ASP A 493 13.40 18.15 25.54
CA ASP A 493 12.06 17.63 25.75
C ASP A 493 11.79 16.52 24.74
N PRO A 494 11.18 15.38 25.15
CA PRO A 494 10.82 14.30 24.23
C PRO A 494 9.91 14.71 23.08
N GLU A 495 9.12 15.78 23.26
CA GLU A 495 8.15 16.21 22.27
C GLU A 495 8.46 17.62 21.76
N ALA A 496 9.73 18.04 21.88
CA ALA A 496 10.14 19.36 21.44
C ALA A 496 9.98 19.49 19.93
N GLN A 497 10.17 18.38 19.21
CA GLN A 497 10.16 18.36 17.75
C GLN A 497 8.79 18.73 17.20
N PHE A 498 7.73 18.52 18.00
CA PHE A 498 6.37 18.80 17.57
C PHE A 498 6.01 20.27 17.77
N GLU A 499 6.81 20.99 18.56
CA GLU A 499 6.50 22.36 18.95
C GLU A 499 7.43 23.34 18.25
N MET A 500 7.73 23.08 16.97
CA MET A 500 8.61 23.94 16.20
C MET A 500 8.32 23.77 14.71
N PRO A 501 8.29 24.87 13.92
CA PRO A 501 8.02 24.79 12.49
C PRO A 501 9.20 24.26 11.68
N TYR A 502 8.90 23.66 10.53
CA TYR A 502 9.90 23.14 9.62
C TYR A 502 9.64 23.68 8.22
N VAL A 503 10.72 24.01 7.50
CA VAL A 503 10.65 24.30 6.08
C VAL A 503 10.77 22.97 5.33
N VAL A 504 9.79 22.69 4.47
CA VAL A 504 9.68 21.38 3.83
C VAL A 504 8.91 21.53 2.52
N ARG A 505 9.41 20.86 1.47
CA ARG A 505 8.64 20.70 0.25
C ARG A 505 7.59 19.63 0.50
N LEU A 506 6.35 20.07 0.71
CA LEU A 506 5.24 19.19 1.01
C LEU A 506 4.87 18.42 -0.26
N HIS A 507 4.95 17.09 -0.20
CA HIS A 507 4.75 16.24 -1.35
C HIS A 507 3.68 15.19 -1.05
N ASN A 508 4.00 14.25 -0.15
CA ASN A 508 3.08 13.20 0.24
C ASN A 508 2.21 13.70 1.38
N PHE A 509 1.19 14.48 1.04
CA PHE A 509 0.28 15.05 2.04
C PHE A 509 -1.08 15.29 1.40
N HIS A 510 -2.05 15.70 2.25
CA HIS A 510 -3.39 16.03 1.80
C HIS A 510 -3.81 17.33 2.46
N GLN A 511 -4.15 18.34 1.64
CA GLN A 511 -4.62 19.62 2.14
C GLN A 511 -6.12 19.52 2.38
N LEU A 512 -6.51 19.63 3.67
CA LEU A 512 -7.85 19.30 4.11
C LEU A 512 -8.80 20.46 3.87
N SER A 513 -8.28 21.70 3.88
CA SER A 513 -9.09 22.88 3.66
C SER A 513 -8.26 23.93 2.92
N ALA A 514 -8.96 24.93 2.38
CA ALA A 514 -8.33 25.99 1.62
C ALA A 514 -7.56 26.93 2.56
N PRO A 515 -6.35 27.40 2.18
CA PRO A 515 -5.60 28.33 3.02
C PRO A 515 -6.38 29.59 3.39
N GLN A 516 -6.18 30.06 4.63
CA GLN A 516 -6.79 31.29 5.11
C GLN A 516 -5.72 32.20 5.71
N PRO A 517 -5.89 33.54 5.64
CA PRO A 517 -4.90 34.48 6.16
C PRO A 517 -4.78 34.41 7.67
N CYS A 518 -3.53 34.51 8.17
CA CYS A 518 -3.24 34.35 9.59
C CYS A 518 -2.81 35.70 10.17
N PHE A 519 -1.61 36.17 9.78
CA PHE A 519 -1.04 37.40 10.30
C PHE A 519 -0.68 38.31 9.13
N THR A 520 -0.96 39.62 9.31
CA THR A 520 -0.67 40.62 8.29
C THR A 520 0.16 41.73 8.93
N PHE A 521 1.07 42.31 8.14
CA PHE A 521 1.92 43.41 8.59
C PHE A 521 2.01 44.45 7.48
N SER A 522 1.93 45.74 7.88
CA SER A 522 2.02 46.86 6.95
C SER A 522 3.18 47.77 7.35
N HIS A 523 3.98 48.16 6.35
CA HIS A 523 5.10 49.06 6.55
C HIS A 523 5.02 50.23 5.57
N PRO A 524 5.19 51.50 6.00
CA PRO A 524 5.45 51.82 7.41
C PRO A 524 4.23 51.72 8.32
N ASN A 525 4.45 51.16 9.52
CA ASN A 525 3.40 51.01 10.52
C ASN A 525 3.12 52.36 11.15
N ARG A 526 1.84 52.76 11.13
CA ARG A 526 1.44 54.08 11.63
C ARG A 526 0.43 53.93 12.79
N ASP A 527 0.37 52.72 13.38
CA ASP A 527 -0.51 52.48 14.53
C ASP A 527 0.25 52.84 15.80
N PRO A 528 -0.25 53.80 16.62
CA PRO A 528 0.43 54.20 17.85
C PRO A 528 0.73 53.03 18.78
N MET A 529 1.89 53.07 19.43
CA MET A 529 2.39 51.96 20.23
C MET A 529 2.31 50.68 19.40
N ILE A 530 3.21 50.57 18.42
CA ILE A 530 3.19 49.48 17.44
C ILE A 530 3.42 48.16 18.16
N ASP A 531 2.43 47.26 18.07
CA ASP A 531 2.49 45.94 18.68
C ASP A 531 2.52 44.88 17.57
N ASN A 532 3.51 44.00 17.62
CA ASN A 532 3.66 42.93 16.65
C ASN A 532 3.23 41.60 17.25
N ASN A 533 2.64 41.63 18.45
CA ASN A 533 1.98 40.47 19.02
C ASN A 533 0.60 40.31 18.38
N ARG A 534 0.17 39.06 18.19
CA ARG A 534 -1.07 38.77 17.49
C ARG A 534 -1.73 37.51 18.06
N TYR A 535 -3.01 37.36 17.73
CA TYR A 535 -3.81 36.20 18.09
C TYR A 535 -4.90 36.04 17.04
N CYS A 536 -4.90 34.89 16.36
CA CYS A 536 -5.75 34.67 15.20
C CYS A 536 -6.47 33.33 15.33
N THR A 537 -7.80 33.36 15.19
CA THR A 537 -8.63 32.16 15.17
C THR A 537 -9.07 31.90 13.74
N LEU A 538 -8.86 30.66 13.27
CA LEU A 538 -9.26 30.25 11.94
C LEU A 538 -10.16 29.01 12.04
N GLU A 539 -11.19 28.96 11.19
CA GLU A 539 -12.08 27.81 11.12
C GLU A 539 -12.01 27.25 9.70
N PHE A 540 -11.61 25.98 9.60
CA PHE A 540 -11.40 25.32 8.32
C PHE A 540 -12.50 24.28 8.07
N PRO A 541 -13.47 24.53 7.16
CA PRO A 541 -14.51 23.56 6.85
C PRO A 541 -13.95 22.35 6.11
N VAL A 542 -14.07 21.17 6.73
CA VAL A 542 -13.59 19.92 6.15
C VAL A 542 -14.77 19.18 5.53
N GLU A 543 -14.54 18.59 4.34
CA GLU A 543 -15.60 17.93 3.59
C GLU A 543 -15.27 16.44 3.40
N VAL A 544 -14.29 15.94 4.15
CA VAL A 544 -13.87 14.55 4.05
C VAL A 544 -13.47 14.05 5.43
N ASN A 545 -13.55 12.73 5.62
CA ASN A 545 -12.97 12.08 6.79
C ASN A 545 -11.46 12.08 6.61
N THR A 546 -10.71 12.26 7.71
CA THR A 546 -9.26 12.39 7.65
C THR A 546 -8.67 12.37 9.05
N VAL A 547 -7.34 12.56 9.13
CA VAL A 547 -6.63 12.68 10.39
C VAL A 547 -5.61 13.82 10.27
N LEU A 548 -5.88 14.91 11.00
CA LEU A 548 -5.04 16.11 10.98
C LEU A 548 -3.70 15.82 11.66
N HIS A 549 -2.61 16.22 11.01
CA HIS A 549 -1.26 16.00 11.53
C HIS A 549 -0.50 17.31 11.71
N GLY A 550 -0.95 18.41 11.09
CA GLY A 550 -0.28 19.68 11.20
C GLY A 550 -0.95 20.75 10.35
N PHE A 551 -0.25 21.89 10.18
CA PHE A 551 -0.75 23.01 9.41
C PHE A 551 0.36 23.53 8.49
N ALA A 552 0.13 23.45 7.18
CA ALA A 552 1.04 24.02 6.20
C ALA A 552 0.92 25.54 6.22
N GLY A 553 2.07 26.22 6.17
CA GLY A 553 2.11 27.67 6.17
C GLY A 553 2.66 28.23 4.86
N TYR A 554 2.02 29.30 4.37
CA TYR A 554 2.45 29.98 3.16
C TYR A 554 2.50 31.47 3.48
N PHE A 555 2.76 32.30 2.45
CA PHE A 555 2.73 33.75 2.62
C PHE A 555 2.55 34.43 1.27
N GLU A 556 1.98 35.65 1.33
CA GLU A 556 1.94 36.58 0.22
C GLU A 556 2.58 37.89 0.66
N THR A 557 3.14 38.64 -0.31
CA THR A 557 3.71 39.95 -0.02
C THR A 557 3.43 40.90 -1.17
N VAL A 558 3.06 42.14 -0.81
CA VAL A 558 2.89 43.21 -1.77
C VAL A 558 4.14 44.08 -1.72
N LEU A 559 4.89 44.09 -2.82
CA LEU A 559 6.14 44.84 -2.90
C LEU A 559 5.82 46.33 -3.00
N TYR A 560 4.92 46.70 -3.92
CA TYR A 560 4.56 48.10 -4.12
C TYR A 560 3.05 48.24 -4.29
N GLN A 561 2.51 47.73 -5.41
CA GLN A 561 1.10 47.92 -5.75
C GLN A 561 0.54 46.61 -6.30
N ASP A 562 0.74 46.40 -7.62
CA ASP A 562 0.31 45.17 -8.28
C ASP A 562 1.51 44.24 -8.43
N ILE A 563 2.63 44.60 -7.80
CA ILE A 563 3.84 43.80 -7.81
C ILE A 563 3.82 42.96 -6.54
N THR A 564 3.75 41.63 -6.70
CA THR A 564 3.58 40.74 -5.56
C THR A 564 4.45 39.50 -5.71
N LEU A 565 4.72 38.86 -4.57
CA LEU A 565 5.30 37.52 -4.52
C LEU A 565 4.40 36.67 -3.62
N SER A 566 4.38 35.35 -3.89
CA SER A 566 3.47 34.46 -3.19
C SER A 566 3.93 33.01 -3.33
N ILE A 567 3.77 32.24 -2.24
CA ILE A 567 3.97 30.80 -2.28
C ILE A 567 2.67 30.09 -1.90
N ARG A 568 1.57 30.84 -1.83
CA ARG A 568 0.25 30.27 -1.62
C ARG A 568 -0.15 29.51 -2.88
N PRO A 569 -0.45 28.19 -2.79
CA PRO A 569 -0.62 27.35 -3.98
C PRO A 569 -1.52 27.92 -5.08
N GLU A 570 -2.61 28.60 -4.67
CA GLU A 570 -3.60 29.08 -5.62
C GLU A 570 -3.15 30.38 -6.28
N THR A 571 -2.27 31.14 -5.61
CA THR A 571 -1.79 32.40 -6.16
C THR A 571 -0.26 32.37 -6.23
N HIS A 572 0.31 31.18 -6.47
CA HIS A 572 1.75 30.99 -6.40
C HIS A 572 2.42 31.67 -7.61
N SER A 573 3.46 32.46 -7.33
CA SER A 573 4.26 33.10 -8.36
C SER A 573 4.91 32.03 -9.23
N PRO A 574 4.69 32.02 -10.56
CA PRO A 574 5.17 30.94 -11.42
C PRO A 574 6.68 31.00 -11.64
N GLY A 575 7.36 29.88 -11.35
CA GLY A 575 8.79 29.75 -11.61
C GLY A 575 9.63 29.96 -10.36
N MET A 576 9.13 30.78 -9.43
CA MET A 576 9.87 31.16 -8.24
C MET A 576 10.04 29.95 -7.33
N PHE A 577 11.24 29.82 -6.73
CA PHE A 577 11.59 28.69 -5.89
C PHE A 577 12.58 29.15 -4.80
N SER A 578 12.21 30.23 -4.10
CA SER A 578 13.07 30.83 -3.08
C SER A 578 12.50 30.59 -1.68
N TRP A 579 11.32 29.97 -1.60
CA TRP A 579 10.67 29.65 -0.34
C TRP A 579 9.89 28.35 -0.49
N PHE A 580 10.25 27.32 0.28
CA PHE A 580 9.40 26.15 0.44
C PHE A 580 8.37 26.46 1.52
N PRO A 581 7.22 25.73 1.55
CA PRO A 581 6.23 25.92 2.62
C PRO A 581 6.81 25.57 3.99
N ILE A 582 6.14 26.06 5.04
CA ILE A 582 6.50 25.79 6.42
C ILE A 582 5.45 24.85 7.01
N LEU A 583 5.83 24.09 8.04
CA LEU A 583 4.95 23.09 8.64
C LEU A 583 4.92 23.28 10.16
N PHE A 584 3.73 23.55 10.70
CA PHE A 584 3.51 23.56 12.13
C PHE A 584 2.87 22.23 12.54
N PRO A 585 3.61 21.28 13.16
CA PRO A 585 3.04 19.99 13.54
C PRO A 585 2.16 20.10 14.80
N ILE A 586 1.54 18.98 15.16
CA ILE A 586 0.86 18.84 16.45
C ILE A 586 1.30 17.51 17.07
N LYS A 587 1.29 17.47 18.41
CA LYS A 587 1.80 16.34 19.17
C LYS A 587 1.04 15.06 18.79
N GLN A 588 -0.29 15.16 18.81
CA GLN A 588 -1.16 14.02 18.61
C GLN A 588 -2.03 14.25 17.38
N PRO A 589 -2.20 13.24 16.50
CA PRO A 589 -3.12 13.36 15.37
C PRO A 589 -4.55 13.50 15.85
N ILE A 590 -5.38 14.20 15.06
CA ILE A 590 -6.75 14.48 15.43
C ILE A 590 -7.66 14.01 14.29
N THR A 591 -8.57 13.09 14.61
CA THR A 591 -9.51 12.56 13.64
C THR A 591 -10.57 13.62 13.35
N VAL A 592 -10.96 13.72 12.07
CA VAL A 592 -11.89 14.73 11.61
C VAL A 592 -12.90 14.09 10.67
N ARG A 593 -14.19 14.13 11.06
CA ARG A 593 -15.26 13.57 10.25
C ARG A 593 -15.65 14.58 9.17
N GLU A 594 -16.31 14.09 8.12
CA GLU A 594 -16.77 14.95 7.04
C GLU A 594 -17.88 15.85 7.59
N GLY A 595 -17.78 17.15 7.31
CA GLY A 595 -18.75 18.13 7.78
C GLY A 595 -18.22 18.93 8.98
N GLN A 596 -17.21 18.39 9.68
CA GLN A 596 -16.67 19.02 10.86
C GLN A 596 -15.72 20.15 10.46
N THR A 597 -15.59 21.13 11.37
CA THR A 597 -14.72 22.28 11.18
C THR A 597 -13.48 22.11 12.05
N ILE A 598 -12.30 22.25 11.44
CA ILE A 598 -11.04 22.32 12.17
C ILE A 598 -10.82 23.76 12.61
N CYS A 599 -10.75 23.99 13.92
CA CYS A 599 -10.53 25.31 14.47
C CYS A 599 -9.14 25.39 15.09
N VAL A 600 -8.29 26.25 14.52
CA VAL A 600 -6.93 26.43 15.00
C VAL A 600 -6.78 27.85 15.53
N ARG A 601 -5.92 28.00 16.55
CA ARG A 601 -5.60 29.28 17.15
C ARG A 601 -4.10 29.49 17.03
N PHE A 602 -3.68 30.68 16.57
CA PHE A 602 -2.27 30.99 16.39
C PHE A 602 -1.95 32.30 17.10
N TRP A 603 -0.90 32.27 17.93
CA TRP A 603 -0.37 33.46 18.60
C TRP A 603 1.01 33.79 18.03
N ARG A 604 1.26 35.09 17.81
CA ARG A 604 2.61 35.59 17.66
C ARG A 604 2.98 36.30 18.96
N CYS A 605 4.01 35.78 19.65
CA CYS A 605 4.39 36.26 20.96
C CYS A 605 5.81 36.80 20.93
N SER A 606 6.15 37.64 21.91
CA SER A 606 7.48 38.23 21.97
C SER A 606 7.80 38.72 23.38
N ASN A 607 9.10 38.77 23.67
CA ASN A 607 9.64 39.59 24.75
C ASN A 607 10.79 40.39 24.16
N SER A 608 11.61 41.01 25.02
CA SER A 608 12.68 41.87 24.58
C SER A 608 13.77 41.09 23.84
N LYS A 609 13.87 39.78 24.10
CA LYS A 609 14.95 38.97 23.56
C LYS A 609 14.49 38.09 22.40
N LYS A 610 13.27 37.55 22.47
CA LYS A 610 12.82 36.52 21.56
C LYS A 610 11.45 36.85 20.95
N VAL A 611 11.17 36.20 19.82
CA VAL A 611 9.84 36.14 19.24
C VAL A 611 9.55 34.67 18.94
N TRP A 612 8.30 34.25 19.12
CA TRP A 612 7.90 32.88 18.84
C TRP A 612 6.42 32.79 18.52
N TYR A 613 6.02 31.62 18.02
CA TYR A 613 4.62 31.30 17.80
C TYR A 613 4.19 30.24 18.82
N GLU A 614 2.93 30.33 19.23
CA GLU A 614 2.24 29.24 19.90
C GLU A 614 1.00 28.92 19.08
N TRP A 615 0.48 27.69 19.23
CA TRP A 615 -0.72 27.31 18.51
C TRP A 615 -1.46 26.17 19.22
N ALA A 616 -2.75 26.06 18.94
CA ALA A 616 -3.60 25.05 19.53
C ALA A 616 -4.80 24.78 18.62
N VAL A 617 -5.24 23.51 18.57
CA VAL A 617 -6.48 23.14 17.93
C VAL A 617 -7.58 23.15 18.98
N THR A 618 -8.75 23.68 18.64
CA THR A 618 -9.85 23.84 19.58
C THR A 618 -11.09 23.08 19.11
N ALA A 619 -11.11 22.72 17.82
CA ALA A 619 -12.18 21.90 17.26
C ALA A 619 -11.62 21.03 16.14
N PRO A 620 -12.15 19.80 15.89
CA PRO A 620 -13.28 19.26 16.64
C PRO A 620 -12.99 18.81 18.07
N VAL A 621 -11.70 18.58 18.37
CA VAL A 621 -11.24 18.32 19.73
C VAL A 621 -10.10 19.28 20.04
N CYS A 622 -9.82 19.46 21.34
CA CYS A 622 -8.75 20.33 21.77
C CYS A 622 -7.41 19.59 21.74
N SER A 623 -6.37 20.29 21.26
CA SER A 623 -4.99 19.88 21.45
C SER A 623 -4.41 20.67 22.61
N ALA A 624 -3.21 20.27 23.05
CA ALA A 624 -2.43 21.08 23.97
C ALA A 624 -1.90 22.31 23.22
N ILE A 625 -1.67 23.40 23.96
CA ILE A 625 -1.04 24.58 23.41
C ILE A 625 0.42 24.25 23.14
N HIS A 626 0.87 24.49 21.90
CA HIS A 626 2.20 24.11 21.46
C HIS A 626 3.16 25.28 21.62
N ASN A 627 4.35 24.96 22.15
CA ASN A 627 5.47 25.90 22.26
C ASN A 627 5.14 27.03 23.22
N PRO A 628 4.54 26.76 24.42
CA PRO A 628 4.28 27.82 25.39
C PRO A 628 5.56 28.47 25.92
N THR A 629 5.61 29.81 25.82
CA THR A 629 6.74 30.61 26.27
C THR A 629 7.95 30.37 25.38
N GLY A 630 7.72 29.83 24.18
CA GLY A 630 8.80 29.54 23.25
C GLY A 630 9.80 28.53 23.80
N ARG A 631 9.32 27.61 24.65
CA ARG A 631 10.19 26.66 25.32
C ARG A 631 10.94 25.81 24.29
N SER A 632 10.26 25.41 23.22
CA SER A 632 10.79 24.49 22.24
C SER A 632 11.40 25.23 21.05
N TYR A 633 10.90 26.44 20.76
CA TYR A 633 11.33 27.19 19.59
C TYR A 633 11.20 28.69 19.84
N THR A 634 12.31 29.42 19.61
CA THR A 634 12.28 30.88 19.62
C THR A 634 13.00 31.40 18.39
N ILE A 635 12.68 32.63 18.03
CA ILE A 635 13.35 33.37 16.97
C ILE A 635 14.10 34.51 17.64
N GLY A 636 15.41 34.58 17.40
CA GLY A 636 16.29 35.48 18.14
C GLY A 636 16.19 36.91 17.61
N LEU A 637 16.05 37.87 18.54
CA LEU A 637 16.14 39.28 18.23
C LEU A 637 17.60 39.74 18.30
N PRO B 21 9.69 -47.27 -15.19
CA PRO B 21 8.50 -47.66 -15.94
C PRO B 21 7.93 -46.55 -16.83
N ASN B 22 8.81 -45.87 -17.56
CA ASN B 22 8.43 -44.76 -18.43
C ASN B 22 7.72 -43.69 -17.61
N ALA B 23 8.39 -43.20 -16.56
CA ALA B 23 7.82 -42.24 -15.63
C ALA B 23 8.93 -41.58 -14.82
N PRO B 24 8.64 -40.54 -14.01
CA PRO B 24 9.65 -39.93 -13.15
C PRO B 24 10.35 -40.92 -12.22
N ALA B 25 11.57 -40.56 -11.79
CA ALA B 25 12.41 -41.45 -11.00
C ALA B 25 11.91 -41.53 -9.56
N CYS B 26 11.34 -40.43 -9.06
CA CYS B 26 10.86 -40.38 -7.69
C CYS B 26 9.69 -39.38 -7.58
N MET B 27 8.64 -39.80 -6.86
CA MET B 27 7.48 -38.95 -6.63
C MET B 27 7.72 -38.11 -5.38
N GLU B 28 6.83 -37.13 -5.15
CA GLU B 28 7.02 -36.14 -4.11
C GLU B 28 6.44 -36.65 -2.80
N ARG B 29 6.88 -36.05 -1.69
CA ARG B 29 6.60 -36.51 -0.34
C ARG B 29 5.10 -36.39 -0.03
N GLN B 30 4.54 -35.19 -0.27
CA GLN B 30 3.19 -34.86 0.17
C GLN B 30 2.17 -35.39 -0.83
N LEU B 31 1.48 -36.47 -0.46
CA LEU B 31 0.41 -37.04 -1.27
C LEU B 31 -0.87 -36.27 -1.00
N GLU B 32 -1.45 -35.70 -2.07
CA GLU B 32 -2.55 -34.75 -1.95
C GLU B 32 -3.89 -35.44 -2.19
N ALA B 33 -3.95 -36.34 -3.18
CA ALA B 33 -5.21 -36.96 -3.58
C ALA B 33 -5.03 -38.44 -3.86
N ALA B 34 -6.16 -39.17 -3.86
CA ALA B 34 -6.21 -40.58 -4.17
C ALA B 34 -7.64 -40.96 -4.54
N ARG B 35 -7.82 -41.52 -5.75
CA ARG B 35 -9.14 -41.83 -6.27
C ARG B 35 -9.12 -43.21 -6.94
N TYR B 36 -10.22 -43.96 -6.77
CA TYR B 36 -10.45 -45.21 -7.49
C TYR B 36 -11.37 -44.95 -8.67
N ARG B 37 -11.17 -45.70 -9.76
CA ARG B 37 -12.05 -45.67 -10.92
C ARG B 37 -12.89 -46.95 -10.93
N SER B 38 -13.61 -47.18 -12.03
CA SER B 38 -14.59 -48.25 -12.14
C SER B 38 -13.97 -49.60 -11.76
N ASP B 39 -12.96 -50.03 -12.54
CA ASP B 39 -12.38 -51.36 -12.38
C ASP B 39 -11.69 -51.47 -11.01
N GLY B 40 -10.93 -50.42 -10.64
CA GLY B 40 -10.29 -50.36 -9.33
C GLY B 40 -8.79 -50.05 -9.44
N ALA B 41 -8.44 -49.09 -10.30
CA ALA B 41 -7.07 -48.60 -10.42
C ALA B 41 -6.94 -47.31 -9.61
N LEU B 42 -5.94 -47.26 -8.73
CA LEU B 42 -5.79 -46.17 -7.78
C LEU B 42 -4.99 -45.04 -8.40
N LEU B 43 -5.66 -43.89 -8.61
CA LEU B 43 -5.04 -42.68 -9.09
C LEU B 43 -4.40 -41.97 -7.91
N LEU B 44 -3.19 -41.41 -8.12
CA LEU B 44 -2.46 -40.70 -7.08
C LEU B 44 -1.95 -39.37 -7.65
N GLY B 45 -2.24 -38.29 -6.92
CA GLY B 45 -1.57 -37.01 -7.08
C GLY B 45 -0.64 -36.74 -5.91
N ALA B 46 0.43 -35.98 -6.15
CA ALA B 46 1.42 -35.69 -5.13
C ALA B 46 2.14 -34.38 -5.47
N SER B 47 2.46 -33.62 -4.41
CA SER B 47 3.15 -32.34 -4.55
C SER B 47 4.39 -32.31 -3.67
N SER B 48 5.41 -31.58 -4.10
CA SER B 48 6.53 -31.22 -3.25
C SER B 48 6.24 -29.86 -2.62
N LEU B 49 5.97 -29.86 -1.31
CA LEU B 49 5.68 -28.65 -0.57
C LEU B 49 6.90 -28.24 0.25
N SER B 50 8.05 -28.88 -0.02
CA SER B 50 9.30 -28.58 0.65
C SER B 50 10.46 -28.82 -0.32
N GLY B 51 11.62 -28.20 -0.01
CA GLY B 51 12.85 -28.46 -0.74
C GLY B 51 12.99 -27.54 -1.96
N ARG B 52 14.00 -27.85 -2.77
CA ARG B 52 14.42 -27.02 -3.89
C ARG B 52 13.27 -26.78 -4.87
N CYS B 53 12.67 -27.89 -5.34
CA CYS B 53 11.69 -27.86 -6.41
C CYS B 53 10.29 -28.08 -5.83
N TRP B 54 9.38 -27.14 -6.13
CA TRP B 54 7.99 -27.22 -5.70
C TRP B 54 7.10 -27.54 -6.90
N ALA B 55 7.11 -28.82 -7.31
CA ALA B 55 6.33 -29.29 -8.45
C ALA B 55 5.37 -30.38 -7.99
N GLY B 56 4.60 -30.92 -8.95
CA GLY B 56 3.67 -32.00 -8.68
C GLY B 56 3.83 -33.15 -9.68
N SER B 57 2.99 -34.18 -9.52
CA SER B 57 3.04 -35.36 -10.38
C SER B 57 1.73 -36.12 -10.29
N LEU B 58 1.50 -36.98 -11.30
CA LEU B 58 0.34 -37.85 -11.37
C LEU B 58 0.82 -39.29 -11.54
N TRP B 59 0.12 -40.25 -10.92
CA TRP B 59 0.52 -41.64 -10.92
C TRP B 59 -0.71 -42.55 -11.03
N LEU B 60 -0.51 -43.74 -11.60
CA LEU B 60 -1.56 -44.75 -11.71
C LEU B 60 -1.04 -46.08 -11.14
N PHE B 61 -1.91 -46.78 -10.40
CA PHE B 61 -1.58 -48.05 -9.80
C PHE B 61 -2.71 -49.05 -10.06
N LYS B 62 -2.49 -49.95 -11.02
CA LYS B 62 -3.39 -51.06 -11.27
C LYS B 62 -3.33 -52.04 -10.10
N ASP B 63 -2.18 -52.06 -9.40
CA ASP B 63 -2.03 -52.76 -8.14
C ASP B 63 -2.09 -51.73 -7.01
N PRO B 64 -3.22 -51.62 -6.27
CA PRO B 64 -3.34 -50.64 -5.19
C PRO B 64 -2.33 -50.80 -4.06
N CYS B 65 -1.96 -52.06 -3.77
CA CYS B 65 -1.09 -52.39 -2.65
C CYS B 65 0.38 -52.12 -2.96
N ALA B 66 0.69 -51.80 -4.22
CA ALA B 66 2.06 -51.53 -4.64
C ALA B 66 2.44 -50.08 -4.31
N ALA B 67 1.43 -49.26 -4.01
CA ALA B 67 1.63 -47.83 -3.78
C ALA B 67 2.31 -47.60 -2.43
N PRO B 68 3.11 -46.52 -2.26
CA PRO B 68 3.42 -45.57 -3.34
C PRO B 68 4.79 -45.77 -3.98
N ASN B 69 5.09 -47.02 -4.37
CA ASN B 69 6.38 -47.38 -4.92
C ASN B 69 6.41 -47.04 -6.41
N GLU B 70 7.44 -46.29 -6.83
CA GLU B 70 7.49 -45.71 -8.17
C GLU B 70 7.90 -46.77 -9.19
N GLY B 71 8.58 -47.83 -8.73
CA GLY B 71 9.06 -48.89 -9.59
C GLY B 71 7.94 -49.81 -10.07
N PHE B 72 6.81 -49.81 -9.35
CA PHE B 72 5.70 -50.69 -9.66
C PHE B 72 4.44 -49.85 -9.90
N CYS B 73 4.47 -49.05 -10.98
CA CYS B 73 3.33 -48.21 -11.36
C CYS B 73 3.02 -48.43 -12.84
N SER B 74 1.73 -48.30 -13.18
CA SER B 74 1.26 -48.46 -14.54
C SER B 74 1.60 -47.21 -15.37
N ALA B 75 1.34 -46.04 -14.76
CA ALA B 75 1.61 -44.76 -15.42
C ALA B 75 2.13 -43.75 -14.41
N GLY B 76 2.80 -42.72 -14.92
CA GLY B 76 3.35 -41.64 -14.10
C GLY B 76 3.87 -40.50 -14.97
N VAL B 77 3.74 -39.26 -14.46
CA VAL B 77 4.17 -38.09 -15.21
C VAL B 77 4.48 -36.95 -14.24
N GLN B 78 5.43 -36.09 -14.63
CA GLN B 78 5.82 -34.92 -13.86
C GLN B 78 5.10 -33.70 -14.43
N THR B 79 4.40 -32.97 -13.56
CA THR B 79 3.70 -31.75 -13.96
C THR B 79 4.62 -30.56 -13.75
N GLU B 80 4.16 -29.38 -14.22
CA GLU B 80 4.93 -28.16 -14.13
C GLU B 80 4.97 -27.66 -12.68
N ALA B 81 3.80 -27.69 -12.02
CA ALA B 81 3.65 -27.16 -10.68
C ALA B 81 2.97 -28.20 -9.78
N GLY B 82 2.72 -27.81 -8.53
CA GLY B 82 2.11 -28.70 -7.55
C GLY B 82 0.67 -29.06 -7.91
N VAL B 83 0.18 -30.15 -7.31
CA VAL B 83 -1.19 -30.63 -7.53
C VAL B 83 -1.98 -30.36 -6.25
N ALA B 84 -2.93 -29.41 -6.33
CA ALA B 84 -3.74 -29.02 -5.19
C ALA B 84 -4.94 -29.96 -5.04
N ASP B 85 -5.57 -30.29 -6.18
CA ASP B 85 -6.71 -31.21 -6.18
C ASP B 85 -6.87 -31.81 -7.58
N LEU B 86 -7.39 -33.04 -7.62
CA LEU B 86 -7.72 -33.72 -8.87
C LEU B 86 -9.00 -34.53 -8.68
N THR B 87 -9.48 -35.14 -9.78
CA THR B 87 -10.66 -35.96 -9.75
C THR B 87 -10.69 -36.84 -11.00
N TRP B 88 -11.24 -38.05 -10.86
CA TRP B 88 -11.38 -38.97 -11.98
C TRP B 88 -12.38 -38.43 -12.98
N VAL B 89 -11.92 -38.24 -14.23
CA VAL B 89 -12.77 -37.87 -15.34
C VAL B 89 -12.99 -39.10 -16.22
N GLY B 90 -14.00 -39.90 -15.85
CA GLY B 90 -14.27 -41.15 -16.54
C GLY B 90 -13.26 -42.22 -16.13
N GLU B 91 -12.55 -42.77 -17.11
CA GLU B 91 -11.56 -43.82 -16.89
C GLU B 91 -10.18 -43.39 -17.36
N ARG B 92 -10.11 -42.55 -18.41
CA ARG B 92 -8.87 -42.16 -19.04
C ARG B 92 -8.41 -40.78 -18.58
N GLY B 93 -9.38 -39.86 -18.40
CA GLY B 93 -9.07 -38.45 -18.18
C GLY B 93 -8.73 -38.15 -16.71
N ILE B 94 -7.80 -37.21 -16.51
CA ILE B 94 -7.46 -36.71 -15.19
C ILE B 94 -7.52 -35.18 -15.23
N LEU B 95 -8.28 -34.59 -14.30
CA LEU B 95 -8.40 -33.14 -14.21
C LEU B 95 -7.59 -32.65 -13.00
N VAL B 96 -6.82 -31.58 -13.19
CA VAL B 96 -5.85 -31.13 -12.21
C VAL B 96 -6.13 -29.68 -11.84
N ALA B 97 -6.08 -29.39 -10.53
CA ALA B 97 -6.08 -28.03 -10.02
C ALA B 97 -4.65 -27.65 -9.64
N SER B 98 -4.03 -26.80 -10.47
CA SER B 98 -2.61 -26.50 -10.35
C SER B 98 -2.40 -25.21 -9.55
N ASP B 99 -1.19 -25.06 -9.00
CA ASP B 99 -0.80 -23.88 -8.23
C ASP B 99 -0.51 -22.71 -9.16
N SER B 100 -0.20 -23.02 -10.43
CA SER B 100 0.17 -22.02 -11.41
C SER B 100 -1.01 -21.12 -11.78
N GLY B 101 -2.21 -21.49 -11.34
CA GLY B 101 -3.43 -20.78 -11.71
C GLY B 101 -4.05 -21.35 -12.97
N ALA B 102 -3.70 -22.61 -13.28
CA ALA B 102 -4.15 -23.28 -14.48
C ALA B 102 -4.89 -24.56 -14.11
N VAL B 103 -6.02 -24.80 -14.79
CA VAL B 103 -6.69 -26.08 -14.77
C VAL B 103 -6.09 -26.94 -15.89
N GLU B 104 -5.57 -28.12 -15.52
CA GLU B 104 -4.91 -28.99 -16.48
C GLU B 104 -5.75 -30.26 -16.66
N LEU B 105 -5.87 -30.69 -17.92
CA LEU B 105 -6.49 -31.95 -18.25
C LEU B 105 -5.43 -32.86 -18.89
N TRP B 106 -5.30 -34.07 -18.34
CA TRP B 106 -4.45 -35.11 -18.91
C TRP B 106 -5.31 -36.28 -19.32
N GLU B 107 -4.83 -37.07 -20.30
CA GLU B 107 -5.57 -38.22 -20.80
C GLU B 107 -4.62 -39.41 -20.94
N LEU B 108 -5.02 -40.54 -20.35
CA LEU B 108 -4.32 -41.81 -20.50
C LEU B 108 -4.39 -42.23 -21.97
N ASP B 109 -3.29 -42.81 -22.47
CA ASP B 109 -3.26 -43.35 -23.82
C ASP B 109 -4.02 -44.67 -23.85
N GLU B 110 -4.14 -45.27 -25.04
CA GLU B 110 -4.91 -46.48 -25.24
C GLU B 110 -4.30 -47.64 -24.47
N ASN B 111 -2.96 -47.69 -24.39
CA ASN B 111 -2.26 -48.71 -23.64
C ASN B 111 -2.36 -48.43 -22.14
N GLU B 112 -2.52 -47.16 -21.77
CA GLU B 112 -2.63 -46.72 -20.39
C GLU B 112 -1.29 -46.90 -19.69
N THR B 113 -0.22 -46.41 -20.34
CA THR B 113 1.12 -46.42 -19.80
C THR B 113 1.64 -44.99 -19.67
N LEU B 114 1.40 -44.16 -20.70
CA LEU B 114 1.80 -42.76 -20.68
C LEU B 114 0.62 -41.88 -20.25
N ILE B 115 0.93 -40.63 -19.91
CA ILE B 115 -0.06 -39.62 -19.56
C ILE B 115 0.30 -38.32 -20.27
N VAL B 116 -0.41 -38.04 -21.37
CA VAL B 116 -0.14 -36.86 -22.19
C VAL B 116 -1.08 -35.73 -21.75
N SER B 117 -0.58 -34.49 -21.84
CA SER B 117 -1.35 -33.31 -21.46
C SER B 117 -2.36 -32.98 -22.55
N LYS B 118 -3.65 -32.92 -22.17
CA LYS B 118 -4.72 -32.59 -23.09
C LYS B 118 -4.79 -31.08 -23.24
N PHE B 119 -5.05 -30.38 -22.12
CA PHE B 119 -5.02 -28.92 -22.10
C PHE B 119 -4.41 -28.44 -20.78
N CYS B 120 -4.11 -27.14 -20.74
CA CYS B 120 -3.46 -26.51 -19.60
C CYS B 120 -3.64 -24.99 -19.69
N LYS B 121 -4.80 -24.51 -19.24
CA LYS B 121 -5.19 -23.12 -19.44
C LYS B 121 -4.97 -22.33 -18.15
N TYR B 122 -4.15 -21.27 -18.24
CA TYR B 122 -3.87 -20.40 -17.11
C TYR B 122 -4.92 -19.29 -17.08
N GLU B 123 -6.02 -19.53 -16.35
CA GLU B 123 -7.14 -18.60 -16.30
C GLU B 123 -7.25 -17.98 -14.90
N HIS B 124 -7.14 -18.82 -13.86
CA HIS B 124 -7.14 -18.32 -12.49
C HIS B 124 -5.89 -17.48 -12.25
N ASP B 125 -6.04 -16.44 -11.43
CA ASP B 125 -4.96 -15.50 -11.14
C ASP B 125 -4.17 -15.97 -9.92
N ASP B 126 -4.64 -17.03 -9.25
CA ASP B 126 -3.98 -17.57 -8.08
C ASP B 126 -4.19 -19.09 -8.03
N ILE B 127 -3.57 -19.74 -7.04
CA ILE B 127 -3.62 -21.18 -6.86
C ILE B 127 -5.06 -21.68 -7.02
N VAL B 128 -5.23 -22.67 -7.91
CA VAL B 128 -6.49 -23.38 -8.05
C VAL B 128 -6.51 -24.47 -6.98
N SER B 129 -7.46 -24.38 -6.04
CA SER B 129 -7.42 -25.17 -4.81
C SER B 129 -8.41 -26.33 -4.84
N THR B 130 -9.43 -26.25 -5.71
CA THR B 130 -10.46 -27.28 -5.76
C THR B 130 -11.05 -27.37 -7.17
N VAL B 131 -11.41 -28.60 -7.57
CA VAL B 131 -12.02 -28.84 -8.87
C VAL B 131 -12.98 -30.03 -8.74
N SER B 132 -14.03 -30.01 -9.56
CA SER B 132 -15.05 -31.06 -9.56
C SER B 132 -15.73 -31.13 -10.93
N VAL B 133 -16.02 -32.36 -11.36
CA VAL B 133 -16.60 -32.61 -12.68
C VAL B 133 -18.12 -32.74 -12.52
N LEU B 134 -18.86 -32.09 -13.42
CA LEU B 134 -20.32 -32.06 -13.36
C LEU B 134 -20.87 -33.35 -13.98
N SER B 135 -22.20 -33.52 -13.89
CA SER B 135 -22.87 -34.75 -14.28
C SER B 135 -22.58 -35.13 -15.73
N SER B 136 -22.70 -34.15 -16.64
CA SER B 136 -22.57 -34.40 -18.07
C SER B 136 -21.26 -35.11 -18.39
N GLY B 137 -20.16 -34.62 -17.79
CA GLY B 137 -18.84 -35.20 -18.00
C GLY B 137 -18.04 -34.43 -19.05
N THR B 138 -18.67 -33.44 -19.69
CA THR B 138 -18.00 -32.56 -20.64
C THR B 138 -17.76 -31.20 -19.99
N GLN B 139 -18.11 -31.07 -18.71
CA GLN B 139 -18.01 -29.81 -17.99
C GLN B 139 -17.44 -30.05 -16.59
N ALA B 140 -16.87 -28.98 -16.02
CA ALA B 140 -16.31 -29.03 -14.67
C ALA B 140 -16.26 -27.61 -14.09
N VAL B 141 -16.20 -27.53 -12.76
CA VAL B 141 -16.16 -26.26 -12.06
C VAL B 141 -14.93 -26.24 -11.15
N SER B 142 -14.25 -25.08 -11.11
CA SER B 142 -13.03 -24.93 -10.34
C SER B 142 -13.18 -23.79 -9.34
N GLY B 143 -12.46 -23.89 -8.22
CA GLY B 143 -12.38 -22.84 -7.22
C GLY B 143 -10.93 -22.53 -6.87
N SER B 144 -10.61 -21.23 -6.76
CA SER B 144 -9.23 -20.78 -6.60
C SER B 144 -9.08 -20.01 -5.29
N LYS B 145 -7.84 -19.61 -5.00
CA LYS B 145 -7.54 -18.72 -3.88
C LYS B 145 -7.96 -17.30 -4.23
N ASP B 146 -7.84 -16.95 -5.52
CA ASP B 146 -8.58 -15.82 -6.07
C ASP B 146 -10.06 -16.16 -5.97
N ILE B 147 -10.89 -15.13 -5.86
CA ILE B 147 -12.27 -15.32 -5.39
C ILE B 147 -13.12 -15.96 -6.49
N CYS B 148 -12.61 -15.95 -7.73
CA CYS B 148 -13.37 -16.42 -8.89
C CYS B 148 -13.69 -17.91 -8.79
N ILE B 149 -14.89 -18.27 -9.28
CA ILE B 149 -15.24 -19.62 -9.65
C ILE B 149 -15.54 -19.64 -11.14
N LYS B 150 -15.07 -20.68 -11.83
CA LYS B 150 -15.14 -20.75 -13.29
C LYS B 150 -15.78 -22.06 -13.72
N VAL B 151 -16.61 -21.99 -14.76
CA VAL B 151 -17.25 -23.15 -15.36
C VAL B 151 -16.56 -23.44 -16.69
N TRP B 152 -16.11 -24.69 -16.86
CA TRP B 152 -15.28 -25.09 -17.99
C TRP B 152 -16.07 -26.00 -18.93
N ASP B 153 -15.68 -25.98 -20.21
CA ASP B 153 -16.05 -27.02 -21.16
C ASP B 153 -14.79 -27.77 -21.56
N LEU B 154 -14.82 -29.10 -21.39
CA LEU B 154 -13.65 -29.94 -21.58
C LEU B 154 -13.46 -30.23 -23.07
N ALA B 155 -14.54 -30.07 -23.86
CA ALA B 155 -14.50 -30.33 -25.29
C ALA B 155 -13.83 -29.18 -26.02
N GLN B 156 -14.37 -27.96 -25.87
CA GLN B 156 -13.86 -26.79 -26.55
C GLN B 156 -12.63 -26.24 -25.83
N GLN B 157 -12.46 -26.61 -24.56
CA GLN B 157 -11.31 -26.21 -23.76
C GLN B 157 -11.34 -24.69 -23.57
N VAL B 158 -12.45 -24.19 -23.02
CA VAL B 158 -12.62 -22.76 -22.77
C VAL B 158 -13.48 -22.59 -21.52
N VAL B 159 -13.40 -21.39 -20.92
CA VAL B 159 -14.21 -21.04 -19.77
C VAL B 159 -15.57 -20.53 -20.27
N LEU B 160 -16.65 -21.13 -19.77
CA LEU B 160 -18.00 -20.75 -20.14
C LEU B 160 -18.41 -19.50 -19.38
N SER B 161 -18.25 -19.54 -18.04
CA SER B 161 -18.63 -18.44 -17.18
C SER B 161 -17.56 -18.23 -16.11
N SER B 162 -17.55 -17.01 -15.53
CA SER B 162 -16.68 -16.66 -14.43
C SER B 162 -17.47 -15.92 -13.36
N TYR B 163 -17.40 -16.42 -12.12
CA TYR B 163 -18.26 -15.95 -11.04
C TYR B 163 -17.41 -15.50 -9.85
N ARG B 164 -17.50 -14.22 -9.49
CA ARG B 164 -16.92 -13.71 -8.27
C ARG B 164 -18.04 -13.48 -7.26
N ALA B 165 -18.47 -14.58 -6.63
CA ALA B 165 -19.61 -14.57 -5.71
C ALA B 165 -19.13 -14.44 -4.27
N HIS B 166 -18.10 -15.21 -3.90
CA HIS B 166 -17.55 -15.20 -2.55
C HIS B 166 -16.77 -13.90 -2.32
N ALA B 167 -16.26 -13.74 -1.09
CA ALA B 167 -15.47 -12.59 -0.71
C ALA B 167 -14.14 -13.03 -0.09
N ALA B 168 -13.74 -14.28 -0.36
CA ALA B 168 -12.53 -14.85 0.21
C ALA B 168 -12.06 -16.02 -0.65
N GLN B 169 -11.05 -16.75 -0.16
CA GLN B 169 -10.50 -17.88 -0.88
C GLN B 169 -11.56 -18.97 -0.98
N VAL B 170 -11.76 -19.50 -2.20
CA VAL B 170 -12.68 -20.61 -2.42
C VAL B 170 -11.98 -21.88 -1.94
N THR B 171 -12.60 -22.56 -0.96
CA THR B 171 -11.98 -23.68 -0.30
C THR B 171 -12.32 -24.97 -1.05
N CYS B 172 -13.61 -25.23 -1.22
CA CYS B 172 -14.09 -26.48 -1.81
C CYS B 172 -15.26 -26.21 -2.75
N VAL B 173 -15.29 -26.94 -3.87
CA VAL B 173 -16.43 -26.96 -4.76
C VAL B 173 -16.80 -28.41 -5.03
N ALA B 174 -18.12 -28.69 -5.12
CA ALA B 174 -18.61 -30.05 -5.27
C ALA B 174 -19.82 -30.06 -6.19
N ALA B 175 -19.69 -30.77 -7.32
CA ALA B 175 -20.75 -30.89 -8.32
C ALA B 175 -21.84 -31.82 -7.80
N SER B 176 -23.10 -31.47 -8.09
CA SER B 176 -24.21 -32.35 -7.81
C SER B 176 -24.04 -33.64 -8.62
N PRO B 177 -24.27 -34.83 -8.01
CA PRO B 177 -24.04 -36.09 -8.71
C PRO B 177 -24.93 -36.30 -9.94
N HIS B 178 -26.20 -35.89 -9.85
CA HIS B 178 -27.18 -36.19 -10.88
C HIS B 178 -27.73 -34.93 -11.55
N LYS B 179 -27.18 -33.76 -11.23
CA LYS B 179 -27.65 -32.50 -11.81
C LYS B 179 -26.45 -31.72 -12.34
N ASP B 180 -26.52 -31.36 -13.63
CA ASP B 180 -25.40 -30.77 -14.34
C ASP B 180 -25.24 -29.30 -13.96
N SER B 181 -26.35 -28.59 -13.79
CA SER B 181 -26.34 -27.15 -13.59
C SER B 181 -26.09 -26.79 -12.13
N VAL B 182 -26.18 -27.79 -11.23
CA VAL B 182 -26.11 -27.55 -9.80
C VAL B 182 -24.75 -27.96 -9.26
N PHE B 183 -24.20 -27.14 -8.36
CA PHE B 183 -23.00 -27.49 -7.61
C PHE B 183 -22.94 -26.66 -6.33
N LEU B 184 -22.21 -27.18 -5.33
CA LEU B 184 -21.98 -26.47 -4.09
C LEU B 184 -20.62 -25.78 -4.15
N SER B 185 -20.44 -24.79 -3.26
CA SER B 185 -19.14 -24.18 -3.04
C SER B 185 -19.10 -23.61 -1.63
N CYS B 186 -17.88 -23.48 -1.08
CA CYS B 186 -17.68 -22.89 0.24
C CYS B 186 -16.35 -22.14 0.26
N SER B 187 -16.27 -21.12 1.11
CA SER B 187 -15.14 -20.20 1.13
C SER B 187 -14.89 -19.69 2.54
N GLU B 188 -13.77 -18.98 2.72
CA GLU B 188 -13.35 -18.47 4.01
C GLU B 188 -14.17 -17.25 4.42
N ASP B 189 -15.07 -16.78 3.53
CA ASP B 189 -15.99 -15.71 3.84
C ASP B 189 -17.16 -16.24 4.67
N ASN B 190 -17.14 -17.54 4.99
CA ASN B 190 -18.12 -18.18 5.85
C ASN B 190 -19.45 -18.29 5.10
N ARG B 191 -19.37 -18.55 3.80
CA ARG B 191 -20.55 -18.72 2.96
C ARG B 191 -20.52 -20.09 2.32
N ILE B 192 -21.60 -20.86 2.51
CA ILE B 192 -21.87 -22.06 1.73
C ILE B 192 -22.88 -21.68 0.65
N LEU B 193 -22.46 -21.77 -0.62
CA LEU B 193 -23.28 -21.35 -1.74
C LEU B 193 -23.76 -22.58 -2.52
N LEU B 194 -25.09 -22.66 -2.71
CA LEU B 194 -25.71 -23.63 -3.60
C LEU B 194 -26.02 -22.95 -4.92
N TRP B 195 -25.53 -23.52 -6.03
CA TRP B 195 -25.59 -22.88 -7.33
C TRP B 195 -26.63 -23.58 -8.21
N ASP B 196 -27.00 -22.88 -9.30
CA ASP B 196 -27.87 -23.39 -10.34
C ASP B 196 -27.76 -22.44 -11.53
N THR B 197 -27.05 -22.87 -12.58
CA THR B 197 -26.65 -21.98 -13.66
C THR B 197 -27.85 -21.58 -14.52
N ARG B 198 -29.02 -22.16 -14.25
CA ARG B 198 -30.22 -21.83 -15.01
C ARG B 198 -30.81 -20.51 -14.53
N CYS B 199 -30.61 -20.18 -13.25
CA CYS B 199 -31.13 -18.95 -12.68
C CYS B 199 -30.28 -17.75 -13.12
N PRO B 200 -30.85 -16.54 -13.23
CA PRO B 200 -30.07 -15.33 -13.52
C PRO B 200 -29.03 -15.03 -12.44
N LYS B 201 -29.47 -15.09 -11.18
CA LYS B 201 -28.60 -15.08 -10.03
C LYS B 201 -28.41 -16.53 -9.56
N PRO B 202 -27.37 -17.24 -10.03
CA PRO B 202 -27.24 -18.67 -9.80
C PRO B 202 -26.99 -19.07 -8.34
N ALA B 203 -26.15 -18.29 -7.64
CA ALA B 203 -25.74 -18.62 -6.30
C ALA B 203 -26.89 -18.40 -5.32
N SER B 204 -26.95 -19.26 -4.29
CA SER B 204 -27.93 -19.15 -3.23
C SER B 204 -27.29 -19.56 -1.91
N GLN B 205 -27.36 -18.66 -0.91
CA GLN B 205 -26.66 -18.84 0.35
C GLN B 205 -27.48 -19.73 1.26
N ILE B 206 -26.83 -20.72 1.87
CA ILE B 206 -27.50 -21.65 2.78
C ILE B 206 -27.27 -21.18 4.21
N GLY B 207 -28.38 -20.93 4.94
CA GLY B 207 -28.31 -20.48 6.31
C GLY B 207 -28.01 -21.63 7.26
N GLY B 212 -20.97 -20.11 11.77
CA GLY B 212 -20.09 -19.71 12.89
C GLY B 212 -18.62 -19.94 12.56
N TYR B 213 -18.28 -21.20 12.22
CA TYR B 213 -16.93 -21.58 11.85
C TYR B 213 -16.89 -21.83 10.34
N LEU B 214 -15.71 -21.57 9.75
CA LEU B 214 -15.56 -21.53 8.31
C LEU B 214 -15.78 -22.92 7.71
N PRO B 215 -16.49 -23.03 6.56
CA PRO B 215 -16.66 -24.30 5.86
C PRO B 215 -15.44 -24.65 5.00
N THR B 216 -14.98 -25.90 5.11
CA THR B 216 -13.73 -26.33 4.48
C THR B 216 -13.96 -27.43 3.45
N SER B 217 -14.90 -28.36 3.73
CA SER B 217 -15.13 -29.50 2.88
C SER B 217 -16.62 -29.68 2.61
N LEU B 218 -16.95 -30.24 1.44
CA LEU B 218 -18.32 -30.46 1.02
C LEU B 218 -18.44 -31.88 0.46
N ALA B 219 -19.66 -32.44 0.53
CA ALA B 219 -19.93 -33.76 -0.02
C ALA B 219 -21.44 -33.94 -0.20
N TRP B 220 -21.87 -34.09 -1.46
CA TRP B 220 -23.24 -34.45 -1.78
C TRP B 220 -23.54 -35.87 -1.28
N HIS B 221 -24.80 -36.11 -0.91
CA HIS B 221 -25.26 -37.45 -0.60
C HIS B 221 -25.47 -38.19 -1.93
N PRO B 222 -25.01 -39.46 -2.06
CA PRO B 222 -25.07 -40.17 -3.33
C PRO B 222 -26.47 -40.59 -3.77
N GLN B 223 -27.34 -40.90 -2.79
CA GLN B 223 -28.66 -41.44 -3.07
C GLN B 223 -29.73 -40.35 -3.00
N GLN B 224 -29.41 -39.22 -2.34
CA GLN B 224 -30.37 -38.14 -2.16
C GLN B 224 -29.81 -36.87 -2.79
N SER B 225 -30.59 -36.28 -3.73
CA SER B 225 -30.13 -35.15 -4.52
C SER B 225 -30.25 -33.85 -3.73
N GLU B 226 -31.01 -33.86 -2.64
CA GLU B 226 -31.31 -32.65 -1.88
C GLU B 226 -30.49 -32.59 -0.59
N VAL B 227 -29.64 -33.59 -0.34
CA VAL B 227 -28.90 -33.69 0.90
C VAL B 227 -27.41 -33.54 0.62
N PHE B 228 -26.69 -32.93 1.59
CA PHE B 228 -25.25 -32.83 1.53
C PHE B 228 -24.71 -32.69 2.97
N VAL B 229 -23.39 -32.88 3.10
CA VAL B 229 -22.70 -32.74 4.38
C VAL B 229 -21.51 -31.80 4.18
N PHE B 230 -21.12 -31.08 5.23
CA PHE B 230 -19.97 -30.18 5.16
C PHE B 230 -19.17 -30.29 6.45
N GLY B 231 -17.84 -30.28 6.30
CA GLY B 231 -16.92 -30.21 7.43
C GLY B 231 -16.33 -28.81 7.55
N ASP B 232 -16.12 -28.36 8.80
CA ASP B 232 -15.67 -27.01 9.07
C ASP B 232 -14.22 -27.04 9.55
N GLU B 233 -13.70 -25.86 9.90
CA GLU B 233 -12.33 -25.70 10.38
C GLU B 233 -12.21 -26.15 11.83
N ASN B 234 -13.32 -26.15 12.57
CA ASN B 234 -13.32 -26.47 13.99
C ASN B 234 -13.43 -27.98 14.21
N GLY B 235 -13.70 -28.73 13.13
CA GLY B 235 -13.66 -30.19 13.17
C GLY B 235 -15.05 -30.81 13.17
N THR B 236 -16.10 -29.98 13.25
CA THR B 236 -17.47 -30.45 13.28
C THR B 236 -17.89 -30.91 11.88
N VAL B 237 -18.46 -32.11 11.80
CA VAL B 237 -19.09 -32.60 10.59
C VAL B 237 -20.60 -32.35 10.73
N SER B 238 -21.21 -31.80 9.68
CA SER B 238 -22.61 -31.40 9.71
C SER B 238 -23.41 -32.14 8.64
N LEU B 239 -24.72 -32.24 8.88
CA LEU B 239 -25.66 -32.89 7.97
C LEU B 239 -26.77 -31.92 7.63
N VAL B 240 -26.85 -31.53 6.36
CA VAL B 240 -27.75 -30.46 5.92
C VAL B 240 -28.70 -31.00 4.85
N ASP B 241 -29.96 -30.57 4.93
CA ASP B 241 -30.94 -30.79 3.88
C ASP B 241 -31.17 -29.47 3.14
N THR B 242 -31.47 -29.56 1.84
CA THR B 242 -31.70 -28.37 1.03
C THR B 242 -32.91 -27.60 1.56
N LYS B 243 -33.94 -28.33 2.02
CA LYS B 243 -35.17 -27.74 2.51
C LYS B 243 -34.88 -26.81 3.69
N SER B 244 -34.06 -27.29 4.64
CA SER B 244 -33.70 -26.51 5.81
C SER B 244 -32.30 -26.91 6.30
N CYS B 247 -32.93 -26.30 10.56
CA CYS B 247 -32.88 -27.68 11.12
C CYS B 247 -31.72 -28.45 10.47
N VAL B 248 -30.65 -28.66 11.25
CA VAL B 248 -29.48 -29.38 10.79
C VAL B 248 -28.93 -30.23 11.93
N LEU B 249 -28.26 -31.32 11.58
CA LEU B 249 -27.61 -32.21 12.54
C LEU B 249 -26.10 -32.12 12.36
N SER B 250 -25.35 -32.34 13.44
CA SER B 250 -23.90 -32.26 13.40
C SER B 250 -23.28 -33.07 14.56
N SER B 251 -21.95 -33.23 14.50
CA SER B 251 -21.22 -33.95 15.53
C SER B 251 -19.75 -33.54 15.49
N ALA B 252 -19.12 -33.46 16.67
CA ALA B 252 -17.72 -33.10 16.80
C ALA B 252 -16.86 -34.35 16.61
N VAL B 253 -16.44 -34.58 15.35
CA VAL B 253 -15.73 -35.78 14.97
C VAL B 253 -14.23 -35.57 15.19
N HIS B 254 -13.68 -34.52 14.57
CA HIS B 254 -12.25 -34.26 14.62
C HIS B 254 -11.96 -33.10 15.57
N SER B 255 -10.69 -33.01 15.98
CA SER B 255 -10.21 -31.95 16.87
C SER B 255 -9.68 -30.78 16.04
N GLN B 256 -9.45 -30.99 14.74
CA GLN B 256 -8.94 -29.97 13.85
C GLN B 256 -9.72 -29.98 12.54
N CYS B 257 -9.39 -29.04 11.65
CA CYS B 257 -10.07 -28.81 10.39
C CYS B 257 -10.31 -30.11 9.63
N VAL B 258 -11.52 -30.24 9.07
CA VAL B 258 -11.90 -31.37 8.24
C VAL B 258 -11.55 -31.05 6.80
N THR B 259 -10.68 -31.88 6.19
CA THR B 259 -10.10 -31.61 4.90
C THR B 259 -11.00 -32.15 3.78
N GLY B 260 -11.63 -33.32 4.01
CA GLY B 260 -12.43 -33.96 2.99
C GLY B 260 -13.53 -34.85 3.58
N LEU B 261 -14.57 -35.10 2.78
CA LEU B 261 -15.68 -35.96 3.14
C LEU B 261 -16.05 -36.81 1.93
N VAL B 262 -16.05 -38.14 2.10
CA VAL B 262 -16.31 -39.07 1.01
C VAL B 262 -17.26 -40.15 1.49
N PHE B 263 -18.39 -40.31 0.77
CA PHE B 263 -19.38 -41.33 1.06
C PHE B 263 -18.94 -42.66 0.45
N SER B 264 -19.39 -43.77 1.06
CA SER B 264 -19.10 -45.10 0.58
C SER B 264 -20.02 -45.44 -0.59
N PRO B 265 -19.72 -46.49 -1.40
CA PRO B 265 -20.58 -46.90 -2.49
C PRO B 265 -21.80 -47.75 -2.09
N HIS B 266 -21.97 -47.99 -0.79
CA HIS B 266 -23.07 -48.79 -0.27
C HIS B 266 -24.40 -48.12 -0.60
N SER B 267 -25.48 -48.92 -0.56
CA SER B 267 -26.84 -48.42 -0.72
C SER B 267 -27.19 -47.54 0.47
N VAL B 268 -26.90 -48.04 1.68
CA VAL B 268 -26.92 -47.24 2.90
C VAL B 268 -25.50 -46.76 3.17
N PRO B 269 -25.13 -45.52 2.77
CA PRO B 269 -23.72 -45.12 2.74
C PRO B 269 -23.10 -44.84 4.10
N PHE B 270 -21.79 -45.08 4.20
CA PHE B 270 -20.99 -44.65 5.33
C PHE B 270 -20.15 -43.45 4.88
N LEU B 271 -19.97 -42.48 5.79
CA LEU B 271 -19.22 -41.27 5.48
C LEU B 271 -17.84 -41.37 6.12
N ALA B 272 -16.80 -41.27 5.28
CA ALA B 272 -15.41 -41.23 5.75
C ALA B 272 -14.96 -39.78 5.87
N SER B 273 -14.52 -39.41 7.08
CA SER B 273 -14.06 -38.04 7.34
C SER B 273 -12.57 -38.04 7.67
N LEU B 274 -11.87 -37.02 7.16
CA LEU B 274 -10.43 -36.92 7.26
C LEU B 274 -10.05 -35.48 7.58
N SER B 275 -9.00 -35.31 8.39
CA SER B 275 -8.70 -34.04 9.02
C SER B 275 -7.19 -33.84 9.16
N GLU B 276 -6.82 -32.68 9.75
CA GLU B 276 -5.42 -32.33 9.96
C GLU B 276 -4.96 -32.76 11.35
N ASP B 277 -5.85 -33.43 12.11
CA ASP B 277 -5.50 -33.99 13.41
C ASP B 277 -4.86 -35.38 13.22
N CYS B 278 -4.66 -35.79 11.97
CA CYS B 278 -3.96 -37.02 11.62
C CYS B 278 -4.77 -38.22 12.10
N SER B 279 -6.03 -38.29 11.64
CA SER B 279 -6.92 -39.38 11.96
C SER B 279 -7.98 -39.54 10.88
N LEU B 280 -8.63 -40.71 10.89
CA LEU B 280 -9.73 -41.03 10.00
C LEU B 280 -10.90 -41.55 10.84
N ALA B 281 -12.12 -41.13 10.48
CA ALA B 281 -13.32 -41.60 11.14
C ALA B 281 -14.38 -41.96 10.11
N VAL B 282 -15.06 -43.09 10.33
CA VAL B 282 -16.15 -43.53 9.47
C VAL B 282 -17.44 -43.39 10.27
N LEU B 283 -18.40 -42.67 9.69
CA LEU B 283 -19.64 -42.32 10.37
C LEU B 283 -20.82 -43.00 9.68
N ASP B 284 -21.90 -43.21 10.44
CA ASP B 284 -23.13 -43.79 9.90
C ASP B 284 -24.04 -42.64 9.44
N SER B 285 -25.33 -42.96 9.26
CA SER B 285 -26.31 -41.97 8.81
C SER B 285 -26.61 -40.95 9.90
N SER B 286 -26.51 -41.39 11.17
CA SER B 286 -26.85 -40.54 12.31
C SER B 286 -25.60 -39.86 12.89
N LEU B 287 -24.54 -39.75 12.08
CA LEU B 287 -23.28 -39.14 12.50
C LEU B 287 -22.84 -39.74 13.85
N SER B 288 -22.65 -41.07 13.86
CA SER B 288 -22.12 -41.76 15.02
C SER B 288 -20.85 -42.49 14.62
N GLU B 289 -19.83 -42.44 15.47
CA GLU B 289 -18.51 -42.94 15.16
C GLU B 289 -18.52 -44.47 15.16
N LEU B 290 -18.13 -45.06 14.02
CA LEU B 290 -18.07 -46.50 13.86
C LEU B 290 -16.61 -46.94 13.95
N PHE B 291 -15.77 -46.38 13.08
CA PHE B 291 -14.37 -46.76 12.97
C PHE B 291 -13.50 -45.57 13.38
N ARG B 292 -12.28 -45.88 13.85
CA ARG B 292 -11.27 -44.87 14.15
C ARG B 292 -9.91 -45.40 13.71
N SER B 293 -9.08 -44.51 13.14
CA SER B 293 -7.78 -44.90 12.62
C SER B 293 -6.78 -43.75 12.77
N GLN B 294 -5.85 -43.91 13.72
CA GLN B 294 -4.76 -42.97 13.90
C GLN B 294 -3.50 -43.55 13.25
N ALA B 295 -3.61 -43.92 11.97
CA ALA B 295 -2.56 -44.60 11.24
C ALA B 295 -1.55 -43.59 10.71
N HIS B 296 -2.05 -42.47 10.17
CA HIS B 296 -1.20 -41.44 9.60
C HIS B 296 -0.47 -40.69 10.72
N ARG B 297 0.71 -40.17 10.38
CA ARG B 297 1.49 -39.33 11.28
C ARG B 297 1.46 -37.87 10.83
N ASP B 298 0.96 -37.62 9.61
CA ASP B 298 0.87 -36.27 9.06
C ASP B 298 -0.57 -36.03 8.60
N PHE B 299 -0.80 -34.94 7.86
CA PHE B 299 -2.15 -34.55 7.47
C PHE B 299 -2.73 -35.60 6.52
N VAL B 300 -3.98 -36.01 6.82
CA VAL B 300 -4.74 -36.91 5.96
C VAL B 300 -5.44 -36.06 4.91
N ARG B 301 -5.17 -36.34 3.63
CA ARG B 301 -5.54 -35.43 2.56
C ARG B 301 -6.75 -35.93 1.78
N ASP B 302 -6.85 -37.25 1.55
CA ASP B 302 -7.91 -37.79 0.72
C ASP B 302 -8.29 -39.20 1.18
N ALA B 303 -9.48 -39.63 0.74
CA ALA B 303 -9.96 -40.98 0.96
C ALA B 303 -10.69 -41.46 -0.29
N THR B 304 -10.66 -42.77 -0.53
CA THR B 304 -11.33 -43.35 -1.70
C THR B 304 -11.68 -44.81 -1.40
N TRP B 305 -12.99 -45.10 -1.48
CA TRP B 305 -13.49 -46.45 -1.25
C TRP B 305 -13.20 -47.33 -2.46
N SER B 306 -12.77 -48.58 -2.20
CA SER B 306 -12.52 -49.55 -3.26
C SER B 306 -13.85 -49.97 -3.88
N PRO B 307 -14.00 -49.89 -5.22
CA PRO B 307 -15.26 -50.25 -5.89
C PRO B 307 -15.49 -51.77 -5.89
N LEU B 308 -14.39 -52.53 -5.93
CA LEU B 308 -14.44 -53.98 -5.90
C LEU B 308 -14.91 -54.46 -4.53
N ASN B 309 -14.18 -54.04 -3.49
CA ASN B 309 -14.51 -54.39 -2.11
C ASN B 309 -14.94 -53.13 -1.38
N HIS B 310 -16.24 -53.04 -1.06
CA HIS B 310 -16.84 -51.83 -0.53
C HIS B 310 -16.41 -51.59 0.92
N SER B 311 -15.88 -52.63 1.60
CA SER B 311 -15.46 -52.51 2.98
C SER B 311 -14.04 -51.97 3.09
N LEU B 312 -13.33 -51.86 1.96
CA LEU B 312 -11.97 -51.33 1.94
C LEU B 312 -12.01 -49.82 1.67
N LEU B 313 -11.05 -49.10 2.27
CA LEU B 313 -10.92 -47.66 2.12
C LEU B 313 -9.44 -47.30 2.12
N THR B 314 -9.03 -46.54 1.09
CA THR B 314 -7.64 -46.15 0.93
C THR B 314 -7.47 -44.67 1.28
N THR B 315 -6.55 -44.38 2.21
CA THR B 315 -6.24 -43.02 2.60
C THR B 315 -4.79 -42.70 2.21
N VAL B 316 -4.54 -41.42 1.92
CA VAL B 316 -3.21 -40.92 1.63
C VAL B 316 -2.98 -39.66 2.46
N GLY B 317 -1.71 -39.40 2.81
CA GLY B 317 -1.35 -38.26 3.63
C GLY B 317 0.00 -37.68 3.25
N TRP B 318 0.43 -36.65 3.99
CA TRP B 318 1.70 -35.99 3.74
C TRP B 318 2.86 -36.79 4.34
N ASP B 319 2.54 -37.79 5.17
CA ASP B 319 3.55 -38.70 5.71
C ASP B 319 3.98 -39.70 4.65
N HIS B 320 3.36 -39.64 3.46
CA HIS B 320 3.76 -40.42 2.31
C HIS B 320 3.34 -41.88 2.48
N GLN B 321 2.28 -42.09 3.28
CA GLN B 321 1.71 -43.42 3.46
C GLN B 321 0.49 -43.56 2.55
N VAL B 322 0.23 -44.80 2.11
CA VAL B 322 -0.98 -45.15 1.39
C VAL B 322 -1.62 -46.33 2.14
N VAL B 323 -2.41 -46.00 3.17
CA VAL B 323 -2.95 -47.00 4.09
C VAL B 323 -4.27 -47.52 3.54
N HIS B 324 -4.50 -48.83 3.74
CA HIS B 324 -5.74 -49.49 3.31
C HIS B 324 -6.47 -50.00 4.55
N HIS B 325 -7.67 -49.45 4.80
CA HIS B 325 -8.40 -49.69 6.03
C HIS B 325 -9.51 -50.70 5.79
N VAL B 326 -9.66 -51.65 6.72
CA VAL B 326 -10.74 -52.62 6.70
C VAL B 326 -11.88 -52.08 7.56
N VAL B 327 -12.91 -51.54 6.91
CA VAL B 327 -14.03 -50.91 7.58
C VAL B 327 -15.03 -52.00 7.96
N PRO B 328 -15.41 -52.13 9.25
CA PRO B 328 -16.38 -53.15 9.68
C PRO B 328 -17.80 -52.84 9.22
N THR B 329 -18.25 -53.55 8.18
CA THR B 329 -19.57 -53.35 7.60
C THR B 329 -20.28 -54.69 7.53
C1 A1H73 C . 16.39 24.06 -1.80
C2 A1H73 C . 16.08 23.74 -3.10
C3 A1H73 C . 15.13 24.42 -3.83
C7 A1H73 C . 15.94 28.19 -0.07
C8 A1H73 C . 16.00 28.89 1.28
C9 A1H73 C . 15.03 28.10 2.19
C10 A1H73 C . 14.12 27.35 1.18
C11 A1H73 C . 15.70 27.14 3.13
C12 A1H73 C . 16.61 26.12 2.89
C13 A1H73 C . 17.12 25.37 3.94
C14 A1H73 C . 16.70 25.66 5.21
C15 A1H73 C . 15.79 26.67 5.50
C16 A1H73 C . 15.31 27.41 4.43
C19 A1H73 C . 13.86 31.36 2.72
C20 A1H73 C . 13.97 32.25 3.75
C21 A1H73 C . 14.51 33.47 3.22
C22 A1H73 C . 14.70 33.28 1.85
C24 A1H73 C . 15.52 35.48 1.71
F2 A1H73 C . 16.73 22.71 -3.68
C4 A1H73 C . 14.47 25.47 -3.22
C5 A1H73 C . 14.76 25.84 -1.91
C A1H73 C . 15.72 25.11 -1.21
C6 A1H73 C . 14.02 26.99 -1.27
N A1H73 C . 14.66 27.49 -0.04
O A1H73 C . 13.10 26.76 1.45
N1 A1H73 C . 14.24 28.92 3.11
C17 A1H73 C . 14.35 28.54 4.41
O1 A1H73 C . 13.78 29.07 5.35
F1 A1H73 C . 17.19 24.93 6.24
C18 A1H73 C . 13.32 29.98 2.67
N2 A1H73 C . 14.28 31.99 1.57
C23 A1H73 C . 15.22 34.30 1.06
F A1H73 C . 16.03 36.50 0.99
C25 A1H73 C . 15.32 35.63 3.08
N4 A1H73 C . 15.62 36.77 3.71
N3 A1H73 C . 14.82 34.63 3.84
CS MTA D . 19.35 38.87 1.84
S5' MTA D . 18.68 37.89 3.17
C5' MTA D . 18.35 39.16 4.41
C4' MTA D . 19.58 39.91 4.88
O4' MTA D . 19.21 40.86 5.90
C2' MTA D . 20.73 39.46 6.97
O2' MTA D . 22.02 39.41 7.51
C3' MTA D . 20.68 39.03 5.50
O3' MTA D . 21.92 39.26 4.83
C1' MTA D . 20.22 40.90 6.87
N9 MTA D . 19.64 41.43 8.10
C8 MTA D . 18.70 40.82 8.88
N7 MTA D . 18.34 41.53 9.92
C5 MTA D . 19.09 42.70 9.81
C6 MTA D . 19.18 43.85 10.62
N6 MTA D . 18.46 44.03 11.72
N1 MTA D . 20.03 44.83 10.22
C2 MTA D . 20.75 44.64 9.11
N3 MTA D . 20.76 43.59 8.28
C4 MTA D . 19.90 42.64 8.69
S SO4 E . 13.08 -3.34 -3.73
O1 SO4 E . 13.92 -3.33 -4.90
O2 SO4 E . 13.89 -3.51 -2.56
O3 SO4 E . 12.36 -2.09 -3.65
O4 SO4 E . 12.15 -4.43 -3.83
#